data_6SKU
#
_entry.id   6SKU
#
_cell.length_a   171.350
_cell.length_b   68.470
_cell.length_c   137.370
_cell.angle_alpha   90.000
_cell.angle_beta   98.930
_cell.angle_gamma   90.000
#
_symmetry.space_group_name_H-M   'C 1 2 1'
#
loop_
_entity.id
_entity.type
_entity.pdbx_description
1 polymer 'Phosphocholine transferase AnkX'
2 polymer 'Ras-related protein Rab-1B'
3 non-polymer "GUANOSINE-5'-DIPHOSPHATE"
4 non-polymer 'MAGNESIUM ION'
#
loop_
_entity_poly.entity_id
_entity_poly.type
_entity_poly.pdbx_seq_one_letter_code
_entity_poly.pdbx_strand_id
1 'polypeptide(L)'
;GHMMVKIMPNLPGLYFLQAYPSEEIWRLFVDGRFWSKENGWRGYESREPGSLNAALESLCSIALQVEKSGEEFELSVDLI
KRIHKKSGKKVEELQEKNPGELRTDEPVSFCIPAGRASIKGIEEFLSLVFLTEGGAEFGPGKAGPFGPRFDKNYFKNLNP
EQIPDLAKQIYFDMSKYGHSNTNHFYLAVMKNVDVYLEKITQSYNKEIKTAETLDEKLKIIVKHIRMYEVLHPFRDANGR
TFVNNLLNILLMQQGLPPATFYEPNVFDLYSAEELVVVVKEAIFNTVEIIEQSKRKTPITLYGYHSSLEEQTKFRDMLDS
PSYEKIKHMDFSDLNPEKLHLKTQKCLSSLNEQYPLHRGAIYLSDPGEIKLLLSNRNESQINQQIEQGAPPIYVGKTPAH
LAVISGNMAMLDELIAKKADLSLQDYDGKTALHYAAECGNMQIMGKILKVVLSQEDAIKVLNIKDNHGKTAFHYAAEFGT
PELISALTTTEVIQINEPDNSGSSAITLAYKNHKLKIFDELLNSGADISDELLDAIWARKDKETLGKIIAKNEKILLNKE
AFRIAISLGSVSLVKKFLRAGVDIDIPLTKDKATPLMLSINSGNPKLVSYLLKKGANTRLTDTSGNSVLHYVFYSKAENR
EALANIITEKDKKLINQPNANGNPPLYNAVVVNDLKMATILLEMGARVDFEDRLGNNILHSAMRRCDLPIILDIVKKDST
LLHKRNSERRNPFHQALHEMHTFPSSKETEEIHFMNLSDLLLKEGVDLNKKDIKGKTILDIALSKQYFHLCVKLMKAGAH
TNI
;
A
2 'polypeptide(L)'
;GPMPEYDYLFKLLLIGDSGVGKSCLLLRFADDTYTESYISTIGVDFKIRTIELDGKTIKLQIWDTAGQERFRTITSSYYR
GAHGIIVVYDVTDQESYANVKQWLQEIDRYASENVNKLLVGNKSDLTTKKVVDNTTAKEFADSLGIPFLETSAKNATNVE
QAFMTMAAEIKKRMG
;
B
#
# COMPACT_ATOMS: atom_id res chain seq x y z
N LEU A 11 -36.29 -2.60 -27.37
CA LEU A 11 -34.97 -2.73 -28.07
C LEU A 11 -34.13 -3.79 -27.35
N PRO A 12 -33.41 -3.50 -26.24
CA PRO A 12 -32.83 -4.56 -25.42
C PRO A 12 -33.97 -5.22 -24.61
N GLY A 13 -33.88 -6.54 -24.39
CA GLY A 13 -34.92 -7.31 -23.69
C GLY A 13 -35.06 -6.87 -22.24
N LEU A 14 -33.96 -6.99 -21.49
CA LEU A 14 -33.73 -6.62 -20.06
C LEU A 14 -34.88 -7.05 -19.12
N TYR A 15 -35.71 -8.02 -19.50
CA TYR A 15 -36.77 -8.61 -18.62
C TYR A 15 -36.10 -9.24 -17.39
N PHE A 16 -34.94 -9.87 -17.60
CA PHE A 16 -34.12 -10.59 -16.60
C PHE A 16 -33.84 -9.68 -15.40
N LEU A 17 -33.43 -8.44 -15.65
CA LEU A 17 -33.05 -7.43 -14.62
C LEU A 17 -34.25 -7.15 -13.71
N GLN A 18 -35.43 -6.96 -14.30
CA GLN A 18 -36.73 -6.77 -13.57
C GLN A 18 -37.06 -8.05 -12.82
N ALA A 19 -36.94 -9.20 -13.49
CA ALA A 19 -37.20 -10.56 -12.94
C ALA A 19 -36.20 -10.89 -11.83
N TYR A 20 -34.95 -10.42 -11.97
CA TYR A 20 -33.83 -10.61 -10.99
C TYR A 20 -34.35 -10.26 -9.60
N PRO A 21 -34.27 -11.18 -8.60
CA PRO A 21 -34.83 -10.92 -7.28
C PRO A 21 -34.23 -9.66 -6.66
N SER A 22 -35.06 -8.63 -6.47
CA SER A 22 -34.68 -7.28 -5.95
C SER A 22 -33.96 -7.40 -4.61
N GLU A 23 -34.20 -8.48 -3.86
CA GLU A 23 -33.54 -8.78 -2.55
C GLU A 23 -32.04 -9.04 -2.78
N GLU A 24 -31.69 -9.82 -3.80
CA GLU A 24 -30.31 -10.33 -4.03
C GLU A 24 -29.81 -9.96 -5.44
N ILE A 25 -30.00 -8.71 -5.85
CA ILE A 25 -29.55 -8.18 -7.19
C ILE A 25 -28.13 -7.61 -7.08
N TRP A 26 -27.54 -7.59 -5.87
CA TRP A 26 -26.16 -7.08 -5.62
C TRP A 26 -25.12 -7.85 -6.43
N ARG A 27 -25.43 -9.09 -6.82
CA ARG A 27 -24.48 -10.11 -7.34
C ARG A 27 -23.98 -9.72 -8.75
N LEU A 28 -24.66 -8.79 -9.44
CA LEU A 28 -24.32 -8.36 -10.83
C LEU A 28 -22.98 -7.61 -10.86
N PHE A 29 -22.60 -6.97 -9.75
CA PHE A 29 -21.46 -6.01 -9.67
C PHE A 29 -20.39 -6.49 -8.67
N VAL A 30 -20.75 -7.38 -7.74
CA VAL A 30 -19.81 -8.06 -6.80
C VAL A 30 -19.35 -9.37 -7.44
N ASP A 31 -18.04 -9.63 -7.45
CA ASP A 31 -17.43 -10.85 -8.07
C ASP A 31 -17.69 -12.05 -7.15
N GLY A 32 -17.92 -13.23 -7.75
CA GLY A 32 -18.28 -14.47 -7.05
C GLY A 32 -17.18 -14.97 -6.12
N ARG A 33 -15.92 -14.70 -6.46
CA ARG A 33 -14.72 -15.13 -5.68
C ARG A 33 -14.67 -14.46 -4.31
N PHE A 34 -15.45 -13.39 -4.10
CA PHE A 34 -15.53 -12.63 -2.83
C PHE A 34 -16.62 -13.19 -1.92
N TRP A 35 -17.79 -13.53 -2.49
CA TRP A 35 -19.04 -13.89 -1.74
C TRP A 35 -18.70 -14.77 -0.54
N SER A 36 -17.95 -15.85 -0.77
CA SER A 36 -17.58 -16.88 0.24
C SER A 36 -16.95 -16.22 1.48
N LYS A 37 -15.90 -15.43 1.28
CA LYS A 37 -15.02 -14.91 2.37
C LYS A 37 -15.47 -13.50 2.81
N GLU A 38 -15.98 -12.68 1.88
CA GLU A 38 -16.32 -11.25 2.12
C GLU A 38 -17.79 -11.09 2.52
N ASN A 39 -18.44 -12.16 3.00
CA ASN A 39 -19.84 -12.14 3.51
C ASN A 39 -20.76 -11.49 2.48
N GLY A 40 -20.62 -11.86 1.20
CA GLY A 40 -21.44 -11.36 0.09
C GLY A 40 -21.02 -9.97 -0.36
N TRP A 41 -21.87 -8.97 -0.10
CA TRP A 41 -21.70 -7.56 -0.54
C TRP A 41 -20.96 -6.75 0.53
N ARG A 42 -21.06 -7.15 1.80
CA ARG A 42 -20.40 -6.50 2.97
C ARG A 42 -19.02 -5.96 2.59
N GLY A 43 -18.13 -6.82 2.11
CA GLY A 43 -16.75 -6.49 1.74
C GLY A 43 -16.69 -5.33 0.75
N TYR A 44 -17.57 -5.36 -0.27
CA TYR A 44 -17.66 -4.34 -1.35
C TYR A 44 -18.23 -3.03 -0.76
N GLU A 45 -19.12 -3.13 0.23
CA GLU A 45 -19.66 -1.96 1.00
C GLU A 45 -18.53 -1.37 1.85
N SER A 46 -17.88 -2.20 2.66
CA SER A 46 -16.69 -1.86 3.49
C SER A 46 -15.66 -1.10 2.64
N ARG A 47 -15.28 -1.67 1.50
CA ARG A 47 -14.34 -1.08 0.50
C ARG A 47 -14.77 0.36 0.19
N GLU A 48 -15.87 0.52 -0.55
CA GLU A 48 -16.43 1.83 -0.98
C GLU A 48 -17.94 1.79 -0.77
N PRO A 49 -18.49 2.39 0.31
CA PRO A 49 -19.91 2.29 0.62
C PRO A 49 -20.80 3.09 -0.35
N GLY A 50 -21.83 2.43 -0.91
CA GLY A 50 -22.75 3.02 -1.90
C GLY A 50 -22.13 3.06 -3.29
N SER A 51 -20.96 2.44 -3.49
CA SER A 51 -20.24 2.36 -4.78
C SER A 51 -20.98 1.39 -5.72
N LEU A 52 -21.47 0.27 -5.18
CA LEU A 52 -22.36 -0.68 -5.90
C LEU A 52 -23.71 -0.01 -6.17
N ASN A 53 -24.18 0.82 -5.23
CA ASN A 53 -25.45 1.58 -5.32
C ASN A 53 -25.38 2.55 -6.50
N ALA A 54 -24.17 3.08 -6.77
CA ALA A 54 -23.87 4.00 -7.90
C ALA A 54 -23.58 3.20 -9.17
N ALA A 55 -22.93 2.03 -9.05
CA ALA A 55 -22.58 1.12 -10.17
C ALA A 55 -23.85 0.44 -10.69
N LEU A 56 -24.78 0.07 -9.79
CA LEU A 56 -26.13 -0.45 -10.15
C LEU A 56 -26.92 0.68 -10.80
N GLU A 57 -26.85 1.89 -10.22
CA GLU A 57 -27.44 3.14 -10.76
C GLU A 57 -26.88 3.41 -12.16
N SER A 58 -25.57 3.22 -12.34
CA SER A 58 -24.83 3.49 -13.62
C SER A 58 -25.30 2.54 -14.72
N LEU A 59 -25.66 1.31 -14.36
CA LEU A 59 -26.15 0.25 -15.30
C LEU A 59 -27.64 0.47 -15.59
N CYS A 60 -28.38 1.04 -14.64
CA CYS A 60 -29.86 1.22 -14.69
C CYS A 60 -30.23 2.63 -15.18
N SER A 61 -29.32 3.60 -15.05
CA SER A 61 -29.47 4.98 -15.58
C SER A 61 -29.13 4.99 -17.08
N ILE A 62 -28.22 4.11 -17.50
CA ILE A 62 -27.85 3.90 -18.95
C ILE A 62 -28.94 3.06 -19.62
N ALA A 63 -29.57 2.13 -18.87
CA ALA A 63 -30.66 1.25 -19.35
C ALA A 63 -31.86 2.08 -19.83
N LEU A 64 -32.24 3.10 -19.05
CA LEU A 64 -33.37 4.03 -19.37
C LEU A 64 -33.00 4.93 -20.55
N GLN A 65 -31.72 5.25 -20.72
CA GLN A 65 -31.21 6.23 -21.73
C GLN A 65 -31.03 5.56 -23.10
N VAL A 66 -31.00 4.23 -23.16
CA VAL A 66 -30.84 3.45 -24.44
C VAL A 66 -32.20 2.90 -24.89
N GLU A 67 -33.26 3.11 -24.11
CA GLU A 67 -34.65 2.66 -24.42
C GLU A 67 -35.47 3.84 -24.94
N LYS A 68 -35.39 4.99 -24.27
CA LYS A 68 -36.13 6.23 -24.63
C LYS A 68 -35.62 6.80 -25.96
N SER A 69 -34.32 6.63 -26.24
CA SER A 69 -33.65 7.08 -27.48
C SER A 69 -34.21 6.32 -28.69
N GLY A 70 -34.24 4.98 -28.60
CA GLY A 70 -34.68 4.09 -29.69
C GLY A 70 -33.70 4.12 -30.86
N GLU A 71 -34.18 4.46 -32.05
CA GLU A 71 -33.36 4.72 -33.27
C GLU A 71 -32.37 3.57 -33.51
N GLU A 72 -32.84 2.32 -33.38
CA GLU A 72 -32.02 1.09 -33.59
C GLU A 72 -30.59 1.36 -33.07
N PHE A 73 -30.48 1.83 -31.82
CA PHE A 73 -29.25 2.43 -31.24
C PHE A 73 -28.05 1.49 -31.48
N GLU A 74 -26.95 2.06 -32.01
CA GLU A 74 -25.67 1.37 -32.28
C GLU A 74 -24.61 1.90 -31.31
N LEU A 75 -23.47 1.22 -31.20
CA LEU A 75 -22.40 1.53 -30.20
C LEU A 75 -21.78 2.89 -30.52
N SER A 76 -22.09 3.89 -29.69
CA SER A 76 -21.63 5.31 -29.82
C SER A 76 -20.50 5.56 -28.80
N VAL A 77 -19.47 6.31 -29.21
CA VAL A 77 -18.32 6.69 -28.35
C VAL A 77 -18.81 7.71 -27.30
N ASP A 78 -19.81 8.53 -27.64
CA ASP A 78 -20.37 9.59 -26.76
C ASP A 78 -21.15 8.92 -25.62
N LEU A 79 -21.65 7.70 -25.81
CA LEU A 79 -22.30 6.87 -24.75
C LEU A 79 -21.23 6.18 -23.92
N ILE A 80 -20.21 5.60 -24.57
CA ILE A 80 -19.05 4.92 -23.93
C ILE A 80 -18.38 5.88 -22.93
N LYS A 81 -18.47 7.19 -23.19
CA LYS A 81 -18.03 8.26 -22.25
C LYS A 81 -19.08 8.44 -21.15
N ARG A 82 -20.36 8.58 -21.53
CA ARG A 82 -21.51 8.83 -20.60
C ARG A 82 -21.53 7.78 -19.48
N ILE A 83 -21.30 6.51 -19.81
CA ILE A 83 -21.32 5.37 -18.84
C ILE A 83 -20.20 5.55 -17.80
N HIS A 84 -19.09 6.20 -18.17
CA HIS A 84 -17.97 6.50 -17.24
C HIS A 84 -18.31 7.74 -16.38
N LYS A 85 -19.18 8.62 -16.88
CA LYS A 85 -19.69 9.79 -16.11
C LYS A 85 -20.60 9.29 -14.98
N LYS A 86 -21.30 8.17 -15.20
CA LYS A 86 -22.16 7.49 -14.19
C LYS A 86 -21.27 6.71 -13.22
N SER A 87 -20.05 6.37 -13.63
CA SER A 87 -19.03 5.67 -12.79
C SER A 87 -18.49 6.62 -11.72
N GLY A 88 -18.02 7.81 -12.13
CA GLY A 88 -17.47 8.84 -11.23
C GLY A 88 -16.01 8.60 -10.90
N LYS A 97 -6.99 17.69 -14.47
CA LYS A 97 -7.32 16.23 -14.54
C LYS A 97 -8.81 16.07 -14.23
N ASN A 98 -9.57 15.44 -15.14
CA ASN A 98 -11.05 15.33 -15.05
C ASN A 98 -11.48 13.92 -15.43
N PRO A 99 -12.63 13.42 -14.89
CA PRO A 99 -13.12 12.08 -15.19
C PRO A 99 -14.14 12.08 -16.35
N GLY A 100 -14.32 10.94 -17.01
CA GLY A 100 -15.23 10.80 -18.16
C GLY A 100 -14.58 11.30 -19.44
N GLU A 101 -13.29 11.67 -19.36
CA GLU A 101 -12.46 12.18 -20.48
C GLU A 101 -11.50 11.08 -20.91
N LEU A 102 -11.15 11.03 -22.20
CA LEU A 102 -10.22 10.01 -22.76
C LEU A 102 -8.80 10.28 -22.25
N ARG A 103 -8.00 9.22 -22.17
CA ARG A 103 -6.58 9.25 -21.73
C ARG A 103 -5.71 9.70 -22.91
N THR A 104 -4.65 10.46 -22.64
CA THR A 104 -3.72 11.04 -23.64
C THR A 104 -2.36 11.30 -23.00
N ASP A 105 -1.39 10.40 -23.22
CA ASP A 105 0.00 10.49 -22.70
C ASP A 105 -0.01 10.37 -21.16
N GLU A 106 -0.97 9.63 -20.60
CA GLU A 106 -1.04 9.29 -19.16
C GLU A 106 -0.77 7.79 -19.01
N PRO A 107 0.36 7.38 -18.39
CA PRO A 107 0.63 5.95 -18.16
C PRO A 107 -0.35 5.34 -17.15
N VAL A 108 -1.07 4.29 -17.55
CA VAL A 108 -1.91 3.43 -16.67
C VAL A 108 -1.54 1.97 -16.92
N SER A 109 -0.93 1.32 -15.91
CA SER A 109 -0.50 -0.10 -15.94
C SER A 109 -1.24 -0.88 -14.85
N PHE A 110 -0.99 -2.19 -14.76
CA PHE A 110 -1.55 -3.10 -13.73
C PHE A 110 -0.87 -4.48 -13.80
N CYS A 111 -1.05 -5.27 -12.74
CA CYS A 111 -0.53 -6.65 -12.58
C CYS A 111 -1.59 -7.66 -13.01
N ILE A 112 -1.20 -8.70 -13.76
CA ILE A 112 -2.09 -9.83 -14.16
C ILE A 112 -1.39 -11.15 -13.88
N PRO A 113 -2.02 -12.05 -13.08
CA PRO A 113 -1.41 -13.33 -12.72
C PRO A 113 -1.59 -14.40 -13.81
N ALA A 114 -0.84 -15.50 -13.70
CA ALA A 114 -0.88 -16.68 -14.60
C ALA A 114 -2.29 -17.28 -14.62
N GLY A 115 -3.03 -17.16 -13.52
CA GLY A 115 -4.38 -17.72 -13.34
C GLY A 115 -5.45 -16.95 -14.10
N ARG A 116 -5.14 -15.74 -14.58
CA ARG A 116 -6.03 -14.89 -15.42
C ARG A 116 -5.53 -14.90 -16.86
N ALA A 117 -4.68 -15.85 -17.22
CA ALA A 117 -4.01 -15.95 -18.54
C ALA A 117 -4.20 -17.35 -19.14
N SER A 118 -4.02 -17.46 -20.45
CA SER A 118 -4.04 -18.71 -21.24
C SER A 118 -2.97 -18.63 -22.34
N ILE A 119 -2.46 -19.77 -22.81
CA ILE A 119 -1.42 -19.87 -23.87
C ILE A 119 -1.98 -19.27 -25.16
N LYS A 120 -3.26 -19.53 -25.47
CA LYS A 120 -3.96 -19.04 -26.68
C LYS A 120 -4.32 -17.56 -26.50
N GLY A 121 -4.64 -17.15 -25.26
CA GLY A 121 -4.95 -15.75 -24.91
C GLY A 121 -3.75 -14.85 -25.08
N ILE A 122 -2.55 -15.35 -24.74
CA ILE A 122 -1.24 -14.65 -24.95
C ILE A 122 -1.02 -14.45 -26.45
N GLU A 123 -1.24 -15.52 -27.25
CA GLU A 123 -1.06 -15.51 -28.73
C GLU A 123 -1.92 -14.41 -29.35
N GLU A 124 -3.15 -14.22 -28.85
CA GLU A 124 -4.07 -13.15 -29.32
C GLU A 124 -3.57 -11.79 -28.83
N PHE A 125 -3.05 -11.71 -27.60
CA PHE A 125 -2.56 -10.47 -26.95
C PHE A 125 -1.33 -9.94 -27.71
N LEU A 126 -0.35 -10.80 -27.99
CA LEU A 126 0.89 -10.45 -28.73
C LEU A 126 0.56 -10.15 -30.19
N SER A 127 -0.39 -10.89 -30.78
CA SER A 127 -0.81 -10.79 -32.20
C SER A 127 -1.35 -9.38 -32.51
N LEU A 128 -2.00 -8.74 -31.53
CA LEU A 128 -2.55 -7.35 -31.68
C LEU A 128 -1.39 -6.40 -31.97
N VAL A 129 -1.27 -5.97 -33.24
CA VAL A 129 -0.17 -5.07 -33.73
C VAL A 129 -0.24 -3.70 -33.03
N PHE A 130 -1.45 -3.20 -32.77
CA PHE A 130 -1.71 -1.82 -32.30
C PHE A 130 -1.09 -1.61 -30.91
N LEU A 131 -0.81 -2.70 -30.19
CA LEU A 131 -0.07 -2.70 -28.89
C LEU A 131 1.43 -2.53 -29.17
N THR A 132 1.97 -3.26 -30.15
CA THR A 132 3.40 -3.26 -30.53
C THR A 132 3.77 -1.89 -31.14
N GLU A 133 2.94 -1.40 -32.07
CA GLU A 133 3.10 -0.08 -32.74
C GLU A 133 3.06 1.03 -31.69
N GLY A 134 2.03 1.02 -30.83
CA GLY A 134 1.81 2.01 -29.76
C GLY A 134 2.87 1.98 -28.68
N GLY A 135 3.61 0.86 -28.56
CA GLY A 135 4.74 0.71 -27.63
C GLY A 135 4.27 0.62 -26.19
N ALA A 136 3.38 -0.33 -25.89
CA ALA A 136 2.80 -0.58 -24.54
C ALA A 136 3.69 -1.56 -23.77
N GLU A 137 4.47 -1.07 -22.80
CA GLU A 137 5.37 -1.89 -21.96
C GLU A 137 4.61 -3.12 -21.43
N PHE A 138 5.03 -4.32 -21.83
CA PHE A 138 4.52 -5.63 -21.33
C PHE A 138 5.71 -6.56 -21.05
N GLY A 139 5.60 -7.36 -19.99
CA GLY A 139 6.60 -8.39 -19.62
C GLY A 139 6.85 -8.43 -18.12
N PRO A 140 7.80 -9.27 -17.65
CA PRO A 140 8.06 -9.43 -16.22
C PRO A 140 8.85 -8.27 -15.62
N GLY A 141 8.92 -8.22 -14.28
CA GLY A 141 9.52 -7.13 -13.49
C GLY A 141 8.73 -6.87 -12.23
N LYS A 142 9.28 -6.08 -11.31
CA LYS A 142 8.66 -5.75 -9.99
C LYS A 142 7.95 -4.40 -10.08
N ALA A 143 7.08 -4.11 -9.10
CA ALA A 143 6.28 -2.87 -9.00
C ALA A 143 7.18 -1.70 -8.61
N GLY A 144 6.75 -0.48 -8.93
CA GLY A 144 7.38 0.79 -8.49
C GLY A 144 6.33 1.73 -7.90
N PRO A 145 6.73 2.82 -7.20
CA PRO A 145 5.78 3.68 -6.50
C PRO A 145 4.79 4.40 -7.43
N PHE A 146 5.22 4.73 -8.66
CA PHE A 146 4.40 5.40 -9.71
C PHE A 146 3.94 4.36 -10.74
N GLY A 147 4.90 3.72 -11.41
CA GLY A 147 4.66 2.74 -12.50
C GLY A 147 5.56 1.51 -12.36
N PRO A 148 5.41 0.51 -13.25
CA PRO A 148 6.22 -0.71 -13.18
C PRO A 148 7.66 -0.50 -13.66
N ARG A 149 8.56 -1.40 -13.24
CA ARG A 149 9.98 -1.47 -13.70
C ARG A 149 10.23 -2.88 -14.26
N PHE A 150 10.54 -2.97 -15.56
CA PHE A 150 10.53 -4.23 -16.35
C PHE A 150 11.95 -4.78 -16.48
N ASP A 151 12.10 -6.10 -16.35
CA ASP A 151 13.37 -6.85 -16.55
C ASP A 151 13.56 -7.09 -18.05
N LYS A 152 12.47 -7.36 -18.78
CA LYS A 152 12.43 -7.48 -20.26
C LYS A 152 11.10 -6.90 -20.78
N ASN A 153 11.09 -6.47 -22.05
CA ASN A 153 9.88 -6.02 -22.78
C ASN A 153 9.73 -6.87 -24.04
N TYR A 154 8.55 -7.49 -24.22
CA TYR A 154 8.26 -8.47 -25.30
C TYR A 154 7.74 -7.78 -26.56
N PHE A 155 7.51 -6.46 -26.52
CA PHE A 155 6.90 -5.68 -27.63
C PHE A 155 7.98 -5.03 -28.50
N LYS A 156 9.05 -4.52 -27.90
CA LYS A 156 10.19 -3.91 -28.64
C LYS A 156 10.92 -5.03 -29.40
N ASN A 157 11.01 -4.92 -30.73
CA ASN A 157 11.66 -5.90 -31.63
C ASN A 157 11.08 -7.30 -31.39
N LEU A 158 9.84 -7.53 -31.85
CA LEU A 158 9.08 -8.79 -31.68
C LEU A 158 8.86 -9.44 -33.06
N ASN A 159 9.37 -10.66 -33.25
CA ASN A 159 9.26 -11.46 -34.50
C ASN A 159 7.98 -12.30 -34.43
N PRO A 160 6.94 -12.01 -35.24
CA PRO A 160 5.69 -12.77 -35.21
C PRO A 160 5.74 -14.24 -35.66
N GLU A 161 6.93 -14.84 -35.77
CA GLU A 161 7.13 -16.30 -35.97
C GLU A 161 7.60 -16.95 -34.66
N GLN A 162 8.01 -16.12 -33.68
CA GLN A 162 8.43 -16.57 -32.32
C GLN A 162 7.20 -16.68 -31.41
N ILE A 163 6.13 -15.95 -31.73
CA ILE A 163 4.93 -15.71 -30.87
C ILE A 163 4.37 -17.01 -30.29
N PRO A 164 4.27 -18.15 -31.03
CA PRO A 164 3.60 -19.33 -30.51
C PRO A 164 4.40 -20.04 -29.41
N ASP A 165 5.71 -20.19 -29.63
CA ASP A 165 6.66 -20.78 -28.64
C ASP A 165 6.88 -19.78 -27.49
N LEU A 166 6.77 -18.47 -27.78
CA LEU A 166 6.96 -17.37 -26.79
C LEU A 166 5.75 -17.32 -25.85
N ALA A 167 4.55 -17.70 -26.35
CA ALA A 167 3.29 -17.72 -25.58
C ALA A 167 3.42 -18.69 -24.40
N LYS A 168 3.81 -19.93 -24.67
CA LYS A 168 4.06 -20.99 -23.65
C LYS A 168 5.22 -20.55 -22.75
N GLN A 169 6.31 -20.02 -23.34
CA GLN A 169 7.56 -19.63 -22.64
C GLN A 169 7.24 -18.60 -21.54
N ILE A 170 6.35 -17.64 -21.82
CA ILE A 170 5.98 -16.57 -20.84
C ILE A 170 4.94 -17.13 -19.85
N TYR A 171 4.07 -18.04 -20.28
CA TYR A 171 3.07 -18.71 -19.40
C TYR A 171 3.81 -19.54 -18.35
N PHE A 172 4.92 -20.17 -18.74
CA PHE A 172 5.82 -20.96 -17.85
C PHE A 172 6.44 -20.00 -16.82
N ASP A 173 6.84 -18.80 -17.25
CA ASP A 173 7.41 -17.75 -16.37
C ASP A 173 6.33 -17.22 -15.41
N MET A 174 5.15 -16.87 -15.95
CA MET A 174 3.98 -16.38 -15.16
C MET A 174 3.61 -17.43 -14.11
N SER A 175 3.51 -18.70 -14.52
CA SER A 175 3.08 -19.84 -13.68
C SER A 175 4.17 -20.19 -12.65
N LYS A 176 5.41 -20.42 -13.09
CA LYS A 176 6.54 -20.90 -12.26
C LYS A 176 6.78 -19.93 -11.09
N TYR A 177 6.44 -18.64 -11.26
CA TYR A 177 6.48 -17.62 -10.18
C TYR A 177 5.30 -17.84 -9.21
N GLY A 178 4.10 -18.05 -9.76
CA GLY A 178 2.87 -18.32 -8.98
C GLY A 178 1.62 -18.19 -9.84
N HIS A 179 0.63 -19.05 -9.61
CA HIS A 179 -0.63 -19.13 -10.40
C HIS A 179 -1.54 -17.92 -10.07
N SER A 180 -1.60 -17.52 -8.79
CA SER A 180 -2.41 -16.38 -8.30
C SER A 180 -1.51 -15.21 -7.85
N ASN A 181 -0.18 -15.35 -7.99
CA ASN A 181 0.81 -14.26 -7.76
C ASN A 181 1.11 -13.60 -9.12
N THR A 182 1.81 -12.47 -9.12
CA THR A 182 2.14 -11.69 -10.34
C THR A 182 3.63 -11.38 -10.42
N ASN A 183 4.28 -11.87 -11.48
CA ASN A 183 5.66 -11.50 -11.89
C ASN A 183 5.60 -10.51 -13.06
N HIS A 184 4.45 -10.47 -13.77
CA HIS A 184 4.28 -9.79 -15.08
C HIS A 184 3.30 -8.63 -14.97
N PHE A 185 3.77 -7.41 -15.24
CA PHE A 185 2.96 -6.16 -15.33
C PHE A 185 2.72 -5.81 -16.80
N TYR A 186 1.77 -4.91 -17.05
CA TYR A 186 1.39 -4.41 -18.40
C TYR A 186 0.97 -2.94 -18.33
N LEU A 187 1.73 -2.07 -19.00
CA LEU A 187 1.44 -0.62 -19.19
C LEU A 187 0.79 -0.44 -20.57
N ALA A 188 -0.34 0.27 -20.63
CA ALA A 188 -1.13 0.51 -21.86
C ALA A 188 -0.42 1.53 -22.76
N VAL A 189 -0.75 1.53 -24.06
CA VAL A 189 -0.22 2.47 -25.09
C VAL A 189 -0.60 3.90 -24.68
N MET A 190 0.36 4.83 -24.73
CA MET A 190 0.20 6.23 -24.25
C MET A 190 0.26 7.20 -25.44
N LYS A 191 -0.32 6.81 -26.58
CA LYS A 191 -0.43 7.65 -27.80
C LYS A 191 -1.47 7.05 -28.75
N ASN A 192 -2.28 7.91 -29.39
CA ASN A 192 -3.32 7.54 -30.40
C ASN A 192 -4.49 6.83 -29.72
N VAL A 193 -4.84 7.23 -28.49
CA VAL A 193 -5.96 6.64 -27.69
C VAL A 193 -7.28 6.91 -28.42
N ASP A 194 -7.54 8.17 -28.76
CA ASP A 194 -8.81 8.64 -29.39
C ASP A 194 -8.95 8.00 -30.78
N VAL A 195 -7.84 7.71 -31.46
CA VAL A 195 -7.80 7.05 -32.80
C VAL A 195 -8.20 5.57 -32.63
N TYR A 196 -7.45 4.83 -31.81
CA TYR A 196 -7.57 3.35 -31.64
C TYR A 196 -8.97 2.98 -31.14
N LEU A 197 -9.52 3.74 -30.18
CA LEU A 197 -10.86 3.49 -29.59
C LEU A 197 -11.94 3.60 -30.69
N GLU A 198 -11.77 4.53 -31.62
CA GLU A 198 -12.78 4.84 -32.68
C GLU A 198 -12.75 3.77 -33.77
N LYS A 199 -11.57 3.21 -34.08
CA LYS A 199 -11.40 2.17 -35.14
C LYS A 199 -11.83 0.79 -34.60
N ILE A 200 -12.11 0.67 -33.30
CA ILE A 200 -12.71 -0.55 -32.69
C ILE A 200 -14.24 -0.37 -32.63
N THR A 201 -14.71 0.74 -32.06
CA THR A 201 -16.14 1.11 -31.93
C THR A 201 -16.83 0.95 -33.30
N GLN A 202 -16.17 1.41 -34.37
CA GLN A 202 -16.61 1.24 -35.77
C GLN A 202 -16.58 -0.24 -36.15
N SER A 203 -15.43 -0.90 -35.93
CA SER A 203 -15.15 -2.31 -36.29
C SER A 203 -16.15 -3.27 -35.61
N TYR A 204 -16.77 -2.84 -34.50
CA TYR A 204 -17.83 -3.61 -33.79
C TYR A 204 -19.15 -3.50 -34.55
N ASN A 205 -19.51 -2.28 -34.98
CA ASN A 205 -20.74 -2.02 -35.79
C ASN A 205 -20.58 -2.68 -37.17
N LYS A 206 -19.34 -2.89 -37.61
CA LYS A 206 -18.98 -3.55 -38.89
C LYS A 206 -19.33 -5.04 -38.84
N GLU A 207 -19.03 -5.72 -37.73
CA GLU A 207 -19.11 -7.21 -37.62
C GLU A 207 -20.47 -7.64 -37.03
N ILE A 208 -21.12 -6.81 -36.20
CA ILE A 208 -22.50 -7.08 -35.67
C ILE A 208 -23.47 -7.16 -36.85
N LYS A 209 -23.15 -6.50 -37.97
CA LYS A 209 -23.85 -6.64 -39.27
C LYS A 209 -23.60 -8.06 -39.82
N THR A 210 -22.32 -8.43 -39.97
CA THR A 210 -21.86 -9.74 -40.52
C THR A 210 -22.44 -10.90 -39.70
N ALA A 211 -22.70 -10.67 -38.41
CA ALA A 211 -23.23 -11.67 -37.45
C ALA A 211 -24.39 -12.44 -38.08
N GLU A 212 -24.20 -13.76 -38.29
CA GLU A 212 -25.17 -14.67 -38.95
C GLU A 212 -25.78 -15.60 -37.90
N THR A 213 -24.93 -16.35 -37.18
CA THR A 213 -25.31 -17.34 -36.14
C THR A 213 -25.59 -16.62 -34.81
N LEU A 214 -26.43 -17.20 -33.96
CA LEU A 214 -26.85 -16.64 -32.65
C LEU A 214 -25.64 -16.61 -31.70
N ASP A 215 -24.74 -17.59 -31.81
CA ASP A 215 -23.50 -17.72 -30.99
C ASP A 215 -22.41 -16.80 -31.57
N GLU A 216 -22.30 -16.72 -32.91
CA GLU A 216 -21.30 -15.89 -33.63
C GLU A 216 -21.41 -14.42 -33.20
N LYS A 217 -22.63 -13.98 -32.82
CA LYS A 217 -22.89 -12.64 -32.22
C LYS A 217 -22.12 -12.50 -30.90
N LEU A 218 -22.15 -13.54 -30.06
CA LEU A 218 -21.54 -13.54 -28.70
C LEU A 218 -20.01 -13.50 -28.81
N LYS A 219 -19.44 -14.04 -29.89
CA LYS A 219 -17.96 -14.12 -30.11
C LYS A 219 -17.41 -12.73 -30.42
N ILE A 220 -18.07 -11.95 -31.28
CA ILE A 220 -17.60 -10.60 -31.71
C ILE A 220 -17.77 -9.61 -30.55
N ILE A 221 -18.84 -9.74 -29.74
CA ILE A 221 -19.10 -8.88 -28.55
C ILE A 221 -17.88 -8.95 -27.61
N VAL A 222 -17.47 -10.18 -27.24
CA VAL A 222 -16.36 -10.42 -26.27
C VAL A 222 -15.01 -10.05 -26.92
N LYS A 223 -14.83 -10.41 -28.20
CA LYS A 223 -13.61 -10.10 -28.99
C LYS A 223 -13.39 -8.58 -29.02
N HIS A 224 -14.48 -7.80 -29.05
CA HIS A 224 -14.46 -6.31 -29.11
C HIS A 224 -14.27 -5.73 -27.71
N ILE A 225 -15.00 -6.24 -26.71
CA ILE A 225 -14.93 -5.76 -25.30
C ILE A 225 -13.59 -6.18 -24.68
N ARG A 226 -12.97 -7.24 -25.21
CA ARG A 226 -11.57 -7.62 -24.88
C ARG A 226 -10.64 -6.46 -25.27
N MET A 227 -10.51 -6.20 -26.58
CA MET A 227 -9.61 -5.16 -27.15
C MET A 227 -9.87 -3.82 -26.45
N TYR A 228 -11.13 -3.47 -26.25
CA TYR A 228 -11.61 -2.32 -25.42
C TYR A 228 -10.88 -2.31 -24.07
N GLU A 229 -10.89 -3.45 -23.37
CA GLU A 229 -10.27 -3.63 -22.03
C GLU A 229 -8.74 -3.54 -22.15
N VAL A 230 -8.16 -4.09 -23.23
CA VAL A 230 -6.68 -4.18 -23.44
C VAL A 230 -6.12 -2.78 -23.70
N LEU A 231 -6.88 -1.92 -24.40
CA LEU A 231 -6.48 -0.52 -24.72
C LEU A 231 -6.31 0.28 -23.42
N HIS A 232 -7.20 0.08 -22.44
CA HIS A 232 -7.18 0.75 -21.11
C HIS A 232 -7.10 2.26 -21.30
N PRO A 233 -8.01 2.87 -22.09
CA PRO A 233 -7.98 4.32 -22.31
C PRO A 233 -8.19 5.05 -20.97
N PHE A 234 -9.38 4.98 -20.38
CA PHE A 234 -9.81 5.76 -19.20
C PHE A 234 -8.77 5.62 -18.07
N ARG A 235 -8.46 6.75 -17.41
CA ARG A 235 -7.55 6.84 -16.22
C ARG A 235 -7.83 5.68 -15.27
N ASP A 236 -9.10 5.45 -14.94
CA ASP A 236 -9.56 4.39 -13.99
C ASP A 236 -10.92 3.84 -14.43
N ALA A 237 -11.39 2.80 -13.74
CA ALA A 237 -12.73 2.17 -13.92
C ALA A 237 -12.92 1.70 -15.36
N ASN A 238 -11.88 1.09 -15.95
CA ASN A 238 -11.94 0.47 -17.30
C ASN A 238 -12.80 -0.79 -17.24
N GLY A 239 -12.81 -1.48 -16.10
CA GLY A 239 -13.54 -2.75 -15.90
C GLY A 239 -15.03 -2.54 -15.75
N ARG A 240 -15.45 -1.68 -14.79
CA ARG A 240 -16.87 -1.42 -14.43
C ARG A 240 -17.64 -0.85 -15.64
N THR A 241 -16.93 -0.17 -16.54
CA THR A 241 -17.51 0.56 -17.70
C THR A 241 -17.70 -0.40 -18.89
N PHE A 242 -16.68 -1.21 -19.21
CA PHE A 242 -16.57 -2.01 -20.45
C PHE A 242 -17.03 -3.45 -20.24
N VAL A 243 -17.05 -3.95 -18.98
CA VAL A 243 -17.35 -5.37 -18.66
C VAL A 243 -18.65 -5.47 -17.85
N ASN A 244 -18.74 -4.76 -16.72
CA ASN A 244 -19.90 -4.85 -15.78
C ASN A 244 -21.10 -4.10 -16.36
N ASN A 245 -20.88 -3.05 -17.16
CA ASN A 245 -21.94 -2.23 -17.80
C ASN A 245 -22.08 -2.62 -19.28
N LEU A 246 -21.16 -2.15 -20.13
CA LEU A 246 -21.28 -2.22 -21.62
C LEU A 246 -21.64 -3.64 -22.06
N LEU A 247 -20.87 -4.64 -21.63
CA LEU A 247 -21.07 -6.07 -22.02
C LEU A 247 -22.52 -6.49 -21.71
N ASN A 248 -23.02 -6.13 -20.52
CA ASN A 248 -24.41 -6.44 -20.08
C ASN A 248 -25.39 -5.82 -21.08
N ILE A 249 -25.26 -4.53 -21.37
CA ILE A 249 -26.11 -3.79 -22.36
C ILE A 249 -26.17 -4.59 -23.67
N LEU A 250 -25.01 -4.97 -24.22
CA LEU A 250 -24.89 -5.75 -25.49
C LEU A 250 -25.60 -7.11 -25.32
N LEU A 251 -25.45 -7.74 -24.15
CA LEU A 251 -26.12 -9.02 -23.79
C LEU A 251 -27.63 -8.80 -23.70
N MET A 252 -28.08 -7.78 -22.96
CA MET A 252 -29.51 -7.47 -22.72
C MET A 252 -30.20 -7.13 -24.05
N GLN A 253 -29.46 -6.58 -25.02
CA GLN A 253 -30.01 -6.13 -26.33
C GLN A 253 -30.41 -7.35 -27.18
N GLN A 254 -29.60 -8.42 -27.18
CA GLN A 254 -29.84 -9.64 -27.99
C GLN A 254 -30.71 -10.63 -27.20
N GLY A 255 -31.33 -10.18 -26.10
CA GLY A 255 -32.28 -10.98 -25.30
C GLY A 255 -31.58 -12.07 -24.49
N LEU A 256 -30.28 -11.91 -24.22
CA LEU A 256 -29.52 -12.72 -23.24
C LEU A 256 -29.49 -11.96 -21.91
N PRO A 257 -29.43 -12.66 -20.76
CA PRO A 257 -29.48 -11.98 -19.46
C PRO A 257 -28.18 -11.26 -19.10
N PRO A 258 -28.14 -10.52 -17.97
CA PRO A 258 -26.88 -10.00 -17.43
C PRO A 258 -25.89 -11.14 -17.13
N ALA A 259 -24.60 -10.79 -16.98
CA ALA A 259 -23.49 -11.74 -16.73
C ALA A 259 -23.04 -11.64 -15.27
N THR A 260 -23.46 -12.60 -14.44
CA THR A 260 -23.08 -12.74 -13.00
C THR A 260 -21.82 -13.59 -12.90
N PHE A 261 -20.64 -12.95 -12.92
CA PHE A 261 -19.31 -13.60 -13.03
C PHE A 261 -18.81 -14.10 -11.67
N TYR A 262 -17.84 -15.01 -11.72
CA TYR A 262 -16.94 -15.39 -10.59
C TYR A 262 -15.70 -14.50 -10.63
N GLU A 263 -15.01 -14.51 -11.78
CA GLU A 263 -13.78 -13.73 -12.06
C GLU A 263 -13.92 -13.06 -13.42
N PRO A 264 -14.37 -11.78 -13.48
CA PRO A 264 -14.59 -11.09 -14.75
C PRO A 264 -13.34 -10.39 -15.32
N ASN A 265 -12.18 -10.57 -14.67
CA ASN A 265 -10.92 -9.83 -14.95
C ASN A 265 -9.97 -10.70 -15.78
N VAL A 266 -10.50 -11.40 -16.79
CA VAL A 266 -9.71 -12.31 -17.68
C VAL A 266 -9.65 -11.73 -19.09
N PHE A 267 -10.30 -10.58 -19.35
CA PHE A 267 -10.46 -9.97 -20.69
C PHE A 267 -9.12 -9.38 -21.19
N ASP A 268 -8.05 -9.48 -20.39
CA ASP A 268 -6.68 -9.07 -20.79
C ASP A 268 -6.02 -10.19 -21.61
N LEU A 269 -5.87 -11.38 -21.00
CA LEU A 269 -5.02 -12.49 -21.53
C LEU A 269 -5.82 -13.79 -21.68
N TYR A 270 -7.11 -13.71 -22.01
CA TYR A 270 -7.96 -14.89 -22.38
C TYR A 270 -8.35 -14.76 -23.85
N SER A 271 -8.15 -15.84 -24.62
CA SER A 271 -8.49 -15.97 -26.06
C SER A 271 -9.98 -15.64 -26.27
N ALA A 272 -10.33 -15.14 -27.46
CA ALA A 272 -11.67 -14.64 -27.82
C ALA A 272 -12.72 -15.73 -27.60
N GLU A 273 -12.47 -16.95 -28.09
CA GLU A 273 -13.38 -18.12 -27.96
C GLU A 273 -13.46 -18.54 -26.49
N GLU A 274 -12.34 -18.55 -25.77
CA GLU A 274 -12.25 -18.91 -24.33
C GLU A 274 -13.14 -17.96 -23.51
N LEU A 275 -13.23 -16.69 -23.90
CA LEU A 275 -14.04 -15.64 -23.21
C LEU A 275 -15.54 -15.91 -23.42
N VAL A 276 -15.91 -16.44 -24.59
CA VAL A 276 -17.32 -16.86 -24.91
C VAL A 276 -17.79 -17.82 -23.80
N VAL A 277 -16.92 -18.76 -23.40
CA VAL A 277 -17.18 -19.77 -22.34
C VAL A 277 -17.43 -19.03 -21.02
N VAL A 278 -16.52 -18.11 -20.66
CA VAL A 278 -16.55 -17.33 -19.38
C VAL A 278 -17.88 -16.57 -19.30
N VAL A 279 -18.30 -15.93 -20.39
CA VAL A 279 -19.55 -15.13 -20.49
C VAL A 279 -20.75 -16.08 -20.36
N LYS A 280 -20.80 -17.14 -21.18
CA LYS A 280 -21.86 -18.18 -21.16
C LYS A 280 -22.05 -18.70 -19.72
N GLU A 281 -20.96 -18.91 -19.00
CA GLU A 281 -20.94 -19.36 -17.57
C GLU A 281 -21.62 -18.29 -16.71
N ALA A 282 -21.20 -17.03 -16.86
CA ALA A 282 -21.75 -15.85 -16.14
C ALA A 282 -23.23 -15.67 -16.50
N ILE A 283 -23.61 -15.94 -17.75
CA ILE A 283 -25.01 -15.96 -18.26
C ILE A 283 -25.79 -17.04 -17.50
N PHE A 284 -25.29 -18.28 -17.56
CA PHE A 284 -25.87 -19.48 -16.88
C PHE A 284 -26.02 -19.21 -15.38
N ASN A 285 -25.03 -18.54 -14.78
CA ASN A 285 -25.01 -18.14 -13.35
C ASN A 285 -26.26 -17.29 -13.04
N THR A 286 -26.49 -16.24 -13.83
CA THR A 286 -27.63 -15.29 -13.70
C THR A 286 -28.95 -16.07 -13.81
N VAL A 287 -29.11 -16.85 -14.88
CA VAL A 287 -30.29 -17.73 -15.15
C VAL A 287 -30.56 -18.58 -13.91
N GLU A 288 -29.50 -19.13 -13.31
CA GLU A 288 -29.57 -20.01 -12.10
C GLU A 288 -30.18 -19.23 -10.93
N ILE A 289 -29.77 -17.97 -10.74
CA ILE A 289 -30.29 -17.07 -9.66
C ILE A 289 -31.79 -16.85 -9.89
N ILE A 290 -32.15 -16.51 -11.14
CA ILE A 290 -33.56 -16.32 -11.60
C ILE A 290 -34.36 -17.59 -11.29
N GLU A 291 -33.88 -18.74 -11.77
CA GLU A 291 -34.57 -20.05 -11.70
C GLU A 291 -34.74 -20.47 -10.23
N GLN A 292 -33.72 -20.26 -9.40
CA GLN A 292 -33.71 -20.67 -7.96
C GLN A 292 -34.64 -19.78 -7.14
N SER A 293 -34.74 -18.48 -7.48
CA SER A 293 -35.57 -17.48 -6.76
C SER A 293 -37.07 -17.81 -6.92
N LYS A 294 -37.48 -18.36 -8.07
CA LYS A 294 -38.87 -18.79 -8.36
C LYS A 294 -39.20 -20.02 -7.52
N ARG A 295 -38.31 -21.01 -7.49
CA ARG A 295 -38.40 -22.25 -6.66
C ARG A 295 -38.68 -21.89 -5.19
N LYS A 296 -38.12 -20.76 -4.72
CA LYS A 296 -38.15 -20.30 -3.31
C LYS A 296 -37.28 -21.24 -2.46
N THR A 297 -36.32 -21.92 -3.09
CA THR A 297 -35.28 -22.77 -2.43
C THR A 297 -34.16 -21.84 -1.94
N PRO A 298 -33.51 -22.14 -0.80
CA PRO A 298 -32.36 -21.35 -0.35
C PRO A 298 -31.23 -21.37 -1.38
N ILE A 299 -30.61 -20.21 -1.63
CA ILE A 299 -29.61 -20.01 -2.72
C ILE A 299 -28.19 -20.02 -2.11
N THR A 300 -27.29 -20.81 -2.71
CA THR A 300 -25.90 -21.07 -2.24
C THR A 300 -25.00 -21.33 -3.45
N LEU A 301 -24.53 -20.25 -4.10
CA LEU A 301 -23.62 -20.31 -5.28
C LEU A 301 -22.24 -19.79 -4.87
N TYR A 302 -21.18 -20.50 -5.29
CA TYR A 302 -19.76 -20.23 -4.94
C TYR A 302 -19.59 -20.21 -3.43
N GLY A 303 -20.26 -21.13 -2.73
CA GLY A 303 -20.20 -21.33 -1.27
C GLY A 303 -20.47 -20.04 -0.51
N TYR A 304 -21.67 -19.47 -0.68
CA TYR A 304 -22.16 -18.28 0.08
C TYR A 304 -23.62 -18.49 0.50
N HIS A 305 -23.85 -18.70 1.80
CA HIS A 305 -25.20 -18.71 2.45
C HIS A 305 -25.61 -17.27 2.74
N SER A 306 -26.91 -16.96 2.57
CA SER A 306 -27.52 -15.64 2.87
C SER A 306 -28.28 -15.73 4.19
N SER A 307 -27.69 -15.24 5.29
CA SER A 307 -28.32 -15.14 6.63
C SER A 307 -29.38 -14.03 6.59
N LEU A 308 -30.55 -14.28 7.17
CA LEU A 308 -31.73 -13.37 7.16
C LEU A 308 -31.29 -11.94 7.55
N GLU A 309 -30.39 -11.82 8.53
CA GLU A 309 -29.81 -10.54 9.01
C GLU A 309 -29.33 -9.70 7.81
N GLU A 310 -28.43 -10.26 7.00
CA GLU A 310 -27.82 -9.60 5.82
C GLU A 310 -28.90 -9.25 4.79
N GLN A 311 -29.84 -10.18 4.54
CA GLN A 311 -30.93 -10.03 3.54
C GLN A 311 -31.85 -8.88 3.94
N THR A 312 -32.28 -8.85 5.21
CA THR A 312 -33.22 -7.85 5.78
C THR A 312 -32.53 -6.48 5.89
N LYS A 313 -31.24 -6.45 6.21
CA LYS A 313 -30.44 -5.21 6.39
C LYS A 313 -30.18 -4.54 5.03
N PHE A 314 -30.27 -5.29 3.92
CA PHE A 314 -30.04 -4.80 2.54
C PHE A 314 -31.24 -3.96 2.07
N ARG A 315 -32.46 -4.51 2.20
CA ARG A 315 -33.70 -3.97 1.58
C ARG A 315 -33.94 -2.52 2.02
N ASP A 316 -33.71 -2.20 3.29
CA ASP A 316 -33.93 -0.84 3.86
C ASP A 316 -32.78 0.08 3.45
N MET A 317 -31.65 -0.48 2.99
CA MET A 317 -30.42 0.27 2.60
C MET A 317 -30.22 0.23 1.07
N LEU A 318 -31.23 -0.20 0.31
CA LEU A 318 -31.09 -0.54 -1.13
C LEU A 318 -30.95 0.74 -1.98
N ASP A 319 -31.83 1.73 -1.78
CA ASP A 319 -31.88 3.00 -2.57
C ASP A 319 -31.92 2.64 -4.06
N SER A 320 -31.04 3.23 -4.88
CA SER A 320 -30.89 2.96 -6.33
C SER A 320 -32.25 3.03 -7.04
N PRO A 321 -32.91 4.20 -7.05
CA PRO A 321 -34.25 4.35 -7.63
C PRO A 321 -34.37 4.25 -9.17
N SER A 322 -33.36 4.74 -9.91
CA SER A 322 -33.33 4.66 -11.40
C SER A 322 -33.61 3.22 -11.84
N TYR A 323 -33.21 2.25 -11.00
CA TYR A 323 -33.56 0.80 -11.12
C TYR A 323 -35.03 0.59 -10.71
N GLU A 324 -35.43 1.17 -9.57
CA GLU A 324 -36.79 0.98 -8.96
C GLU A 324 -37.90 1.26 -9.97
N LYS A 325 -37.68 2.15 -10.96
CA LYS A 325 -38.72 2.53 -11.95
C LYS A 325 -38.78 1.49 -13.08
N ILE A 326 -37.68 0.80 -13.40
CA ILE A 326 -37.65 -0.32 -14.39
C ILE A 326 -38.03 -1.63 -13.70
N LYS A 327 -38.42 -1.58 -12.42
CA LYS A 327 -39.07 -2.68 -11.66
C LYS A 327 -40.60 -2.52 -11.78
N HIS A 328 -41.10 -1.32 -11.46
CA HIS A 328 -42.52 -0.91 -11.65
C HIS A 328 -42.71 -0.43 -13.09
N MET A 329 -42.54 -1.34 -14.05
CA MET A 329 -42.62 -1.09 -15.52
C MET A 329 -43.30 -2.31 -16.16
N ASP A 330 -44.02 -2.11 -17.27
CA ASP A 330 -44.88 -3.14 -17.90
C ASP A 330 -44.10 -3.84 -19.03
N PHE A 331 -43.95 -5.16 -18.92
CA PHE A 331 -43.30 -6.04 -19.93
C PHE A 331 -44.24 -7.18 -20.31
N SER A 332 -45.55 -6.91 -20.33
CA SER A 332 -46.64 -7.88 -20.66
C SER A 332 -46.74 -8.07 -22.18
N ASP A 333 -46.27 -7.08 -22.95
CA ASP A 333 -46.35 -7.04 -24.44
C ASP A 333 -45.42 -8.11 -25.03
N LEU A 334 -44.29 -8.34 -24.34
CA LEU A 334 -43.23 -9.31 -24.71
C LEU A 334 -43.49 -10.59 -23.92
N ASN A 335 -43.39 -11.76 -24.56
CA ASN A 335 -43.69 -13.06 -23.90
C ASN A 335 -42.37 -13.71 -23.49
N PRO A 336 -42.23 -14.10 -22.20
CA PRO A 336 -40.98 -14.64 -21.66
C PRO A 336 -40.51 -15.98 -22.25
N GLU A 337 -41.45 -16.86 -22.63
CA GLU A 337 -41.12 -18.23 -23.11
C GLU A 337 -40.45 -18.17 -24.50
N LYS A 338 -40.63 -17.06 -25.23
CA LYS A 338 -39.89 -16.79 -26.51
C LYS A 338 -38.42 -16.52 -26.17
N LEU A 339 -38.13 -16.09 -24.93
CA LEU A 339 -36.77 -15.77 -24.42
C LEU A 339 -36.09 -17.06 -23.92
N HIS A 340 -36.78 -17.87 -23.12
CA HIS A 340 -36.24 -19.10 -22.48
C HIS A 340 -35.62 -20.02 -23.55
N LEU A 341 -36.35 -20.28 -24.63
CA LEU A 341 -35.93 -21.19 -25.73
C LEU A 341 -34.68 -20.63 -26.43
N LYS A 342 -34.46 -19.32 -26.38
CA LYS A 342 -33.29 -18.63 -27.01
C LYS A 342 -32.03 -18.84 -26.16
N THR A 343 -32.13 -18.71 -24.83
CA THR A 343 -30.99 -18.83 -23.88
C THR A 343 -30.40 -20.25 -23.93
N GLN A 344 -31.27 -21.27 -23.91
CA GLN A 344 -30.89 -22.71 -23.87
C GLN A 344 -29.99 -23.07 -25.06
N LYS A 345 -30.13 -22.37 -26.19
CA LYS A 345 -29.37 -22.62 -27.45
C LYS A 345 -27.86 -22.51 -27.18
N CYS A 346 -27.43 -21.47 -26.45
CA CYS A 346 -26.01 -21.16 -26.17
C CYS A 346 -25.57 -21.77 -24.82
N LEU A 347 -26.52 -22.17 -23.98
CA LEU A 347 -26.25 -22.75 -22.62
C LEU A 347 -26.43 -24.27 -22.64
N SER A 348 -26.32 -24.90 -23.81
CA SER A 348 -26.32 -26.38 -24.00
C SER A 348 -24.89 -26.87 -24.29
N SER A 349 -23.95 -25.94 -24.49
CA SER A 349 -22.52 -26.21 -24.82
C SER A 349 -21.73 -26.53 -23.55
N LEU A 350 -22.17 -26.01 -22.39
CA LEU A 350 -21.41 -25.99 -21.11
C LEU A 350 -21.35 -27.40 -20.51
N ASN A 351 -22.42 -28.18 -20.62
CA ASN A 351 -22.59 -29.52 -20.00
C ASN A 351 -21.41 -30.42 -20.36
N GLU A 352 -21.22 -30.69 -21.66
CA GLU A 352 -20.36 -31.77 -22.21
C GLU A 352 -18.97 -31.73 -21.58
N GLN A 353 -18.30 -30.58 -21.62
CA GLN A 353 -16.88 -30.42 -21.16
C GLN A 353 -16.87 -30.26 -19.64
N TYR A 354 -16.09 -31.10 -18.95
CA TYR A 354 -15.90 -31.15 -17.47
C TYR A 354 -17.24 -30.97 -16.75
N PRO A 355 -18.14 -31.98 -16.80
CA PRO A 355 -19.42 -31.91 -16.09
C PRO A 355 -19.31 -32.27 -14.60
N LEU A 356 -18.22 -32.95 -14.20
CA LEU A 356 -17.91 -33.31 -12.79
C LEU A 356 -17.62 -32.03 -11.99
N HIS A 357 -16.68 -31.22 -12.48
CA HIS A 357 -16.26 -29.92 -11.89
C HIS A 357 -17.46 -28.99 -11.77
N ARG A 358 -18.14 -28.75 -12.90
CA ARG A 358 -19.40 -27.95 -12.97
C ARG A 358 -20.43 -28.58 -12.04
N GLY A 359 -20.47 -29.92 -11.98
CA GLY A 359 -21.29 -30.70 -11.03
C GLY A 359 -21.06 -30.25 -9.60
N ALA A 360 -19.79 -30.11 -9.19
CA ALA A 360 -19.37 -29.73 -7.82
C ALA A 360 -19.88 -28.33 -7.45
N ILE A 361 -20.10 -27.47 -8.43
CA ILE A 361 -20.48 -26.04 -8.23
C ILE A 361 -21.99 -25.91 -8.04
N TYR A 362 -22.80 -26.55 -8.90
CA TYR A 362 -24.24 -26.26 -9.08
C TYR A 362 -25.14 -27.38 -8.52
N LEU A 363 -24.72 -28.64 -8.56
CA LEU A 363 -25.59 -29.81 -8.21
C LEU A 363 -25.78 -29.90 -6.68
N SER A 364 -26.90 -30.50 -6.27
CA SER A 364 -27.35 -30.65 -4.85
C SER A 364 -27.96 -32.04 -4.64
N ASP A 365 -28.95 -32.41 -5.46
CA ASP A 365 -29.70 -33.70 -5.39
C ASP A 365 -28.72 -34.87 -5.48
N PRO A 366 -28.57 -35.68 -4.40
CA PRO A 366 -27.68 -36.85 -4.43
C PRO A 366 -28.04 -37.83 -5.56
N GLY A 367 -29.33 -38.05 -5.81
CA GLY A 367 -29.85 -38.88 -6.91
C GLY A 367 -29.26 -38.48 -8.25
N GLU A 368 -29.21 -37.17 -8.52
CA GLU A 368 -28.63 -36.59 -9.77
C GLU A 368 -27.09 -36.67 -9.72
N ILE A 369 -26.48 -36.42 -8.56
CA ILE A 369 -25.00 -36.44 -8.36
C ILE A 369 -24.49 -37.87 -8.56
N LYS A 370 -25.09 -38.84 -7.87
CA LYS A 370 -24.73 -40.28 -7.94
C LYS A 370 -24.80 -40.75 -9.40
N LEU A 371 -25.86 -40.34 -10.12
CA LEU A 371 -26.10 -40.67 -11.55
C LEU A 371 -24.93 -40.16 -12.41
N LEU A 372 -24.55 -38.89 -12.23
CA LEU A 372 -23.44 -38.23 -12.97
C LEU A 372 -22.14 -39.03 -12.79
N LEU A 373 -21.87 -39.45 -11.54
CA LEU A 373 -20.58 -40.09 -11.12
C LEU A 373 -20.63 -41.60 -11.37
N SER A 374 -21.80 -42.15 -11.74
CA SER A 374 -21.99 -43.57 -12.13
C SER A 374 -20.92 -43.98 -13.16
N ASN A 375 -20.00 -44.85 -12.75
CA ASN A 375 -19.01 -45.54 -13.64
C ASN A 375 -18.02 -44.51 -14.22
N ARG A 376 -17.40 -43.70 -13.35
CA ARG A 376 -16.33 -42.74 -13.73
C ARG A 376 -14.97 -43.37 -13.41
N ASN A 377 -14.06 -43.35 -14.39
CA ASN A 377 -12.70 -43.96 -14.28
C ASN A 377 -11.80 -43.05 -13.42
N GLU A 378 -10.67 -43.58 -12.97
CA GLU A 378 -9.76 -42.97 -11.96
C GLU A 378 -9.01 -41.78 -12.58
N SER A 379 -8.80 -41.79 -13.89
CA SER A 379 -8.17 -40.69 -14.66
C SER A 379 -9.16 -39.52 -14.83
N GLN A 380 -10.45 -39.84 -14.90
CA GLN A 380 -11.55 -38.86 -15.15
C GLN A 380 -12.01 -38.23 -13.82
N ILE A 381 -11.91 -38.96 -12.71
CA ILE A 381 -12.44 -38.56 -11.37
C ILE A 381 -11.46 -37.58 -10.70
N ASN A 382 -10.18 -37.59 -11.12
CA ASN A 382 -9.09 -36.76 -10.55
C ASN A 382 -8.49 -35.86 -11.65
N GLN A 383 -9.34 -35.37 -12.57
CA GLN A 383 -8.94 -34.54 -13.73
C GLN A 383 -8.76 -33.09 -13.26
N GLN A 384 -7.54 -32.56 -13.33
CA GLN A 384 -7.24 -31.12 -13.09
C GLN A 384 -7.35 -30.38 -14.42
N ILE A 385 -8.40 -29.58 -14.59
CA ILE A 385 -8.68 -28.78 -15.83
C ILE A 385 -7.42 -27.98 -16.17
N GLU A 386 -6.95 -28.09 -17.41
CA GLU A 386 -5.72 -27.39 -17.90
C GLU A 386 -6.10 -25.96 -18.31
N GLN A 387 -5.08 -25.10 -18.49
CA GLN A 387 -5.21 -23.66 -18.83
C GLN A 387 -6.17 -23.46 -20.01
N GLY A 388 -6.70 -22.23 -20.15
CA GLY A 388 -7.59 -21.81 -21.24
C GLY A 388 -9.05 -21.83 -20.83
N ALA A 389 -9.47 -22.87 -20.10
CA ALA A 389 -10.80 -22.98 -19.46
C ALA A 389 -10.99 -21.82 -18.49
N PRO A 390 -12.24 -21.48 -18.09
CA PRO A 390 -12.47 -20.37 -17.16
C PRO A 390 -11.59 -20.46 -15.91
N PRO A 391 -11.27 -19.32 -15.26
CA PRO A 391 -10.18 -19.26 -14.28
C PRO A 391 -10.42 -20.05 -12.99
N ILE A 392 -11.69 -20.24 -12.60
CA ILE A 392 -12.08 -20.98 -11.35
C ILE A 392 -11.64 -22.44 -11.45
N TYR A 393 -11.82 -23.07 -12.61
CA TYR A 393 -11.63 -24.53 -12.84
C TYR A 393 -10.14 -24.88 -12.90
N VAL A 394 -9.36 -24.04 -13.57
CA VAL A 394 -7.94 -24.30 -13.97
C VAL A 394 -7.15 -24.80 -12.74
N GLY A 395 -6.70 -26.06 -12.78
CA GLY A 395 -5.83 -26.68 -11.76
C GLY A 395 -6.58 -27.56 -10.79
N LYS A 396 -7.91 -27.40 -10.70
CA LYS A 396 -8.76 -27.97 -9.63
C LYS A 396 -9.25 -29.37 -10.02
N THR A 397 -9.11 -30.34 -9.12
CA THR A 397 -9.85 -31.62 -9.11
C THR A 397 -11.30 -31.33 -8.70
N PRO A 398 -12.29 -32.14 -9.13
CA PRO A 398 -13.68 -31.90 -8.71
C PRO A 398 -13.84 -31.85 -7.19
N ALA A 399 -12.98 -32.56 -6.45
CA ALA A 399 -12.84 -32.50 -4.98
C ALA A 399 -12.67 -31.04 -4.54
N HIS A 400 -11.61 -30.37 -5.03
CA HIS A 400 -11.28 -28.95 -4.72
C HIS A 400 -12.55 -28.10 -4.79
N LEU A 401 -13.19 -28.05 -5.95
CA LEU A 401 -14.44 -27.28 -6.21
C LEU A 401 -15.53 -27.70 -5.22
N ALA A 402 -15.72 -29.01 -5.03
CA ALA A 402 -16.72 -29.60 -4.11
C ALA A 402 -16.49 -29.06 -2.70
N VAL A 403 -15.23 -28.98 -2.27
CA VAL A 403 -14.81 -28.49 -0.92
C VAL A 403 -15.03 -26.97 -0.85
N ILE A 404 -14.65 -26.24 -1.90
CA ILE A 404 -14.73 -24.74 -1.96
C ILE A 404 -16.19 -24.31 -1.81
N SER A 405 -17.06 -24.77 -2.71
CA SER A 405 -18.48 -24.34 -2.84
C SER A 405 -19.34 -24.94 -1.70
N GLY A 406 -18.76 -25.76 -0.84
CA GLY A 406 -19.43 -26.40 0.30
C GLY A 406 -20.51 -27.37 -0.15
N ASN A 407 -20.22 -28.13 -1.20
CA ASN A 407 -21.12 -29.16 -1.78
C ASN A 407 -20.77 -30.51 -1.18
N MET A 408 -21.20 -30.75 0.07
CA MET A 408 -20.93 -31.99 0.85
C MET A 408 -21.56 -33.19 0.14
N ALA A 409 -22.70 -32.99 -0.51
CA ALA A 409 -23.41 -33.99 -1.35
C ALA A 409 -22.46 -34.54 -2.42
N MET A 410 -21.77 -33.65 -3.13
CA MET A 410 -20.78 -33.99 -4.19
C MET A 410 -19.53 -34.61 -3.54
N LEU A 411 -19.11 -34.11 -2.38
CA LEU A 411 -17.89 -34.55 -1.66
C LEU A 411 -18.06 -35.99 -1.18
N ASP A 412 -19.25 -36.34 -0.66
CA ASP A 412 -19.61 -37.71 -0.20
C ASP A 412 -19.38 -38.72 -1.33
N GLU A 413 -19.96 -38.46 -2.50
CA GLU A 413 -19.95 -39.39 -3.67
C GLU A 413 -18.54 -39.48 -4.26
N LEU A 414 -17.75 -38.41 -4.18
CA LEU A 414 -16.33 -38.39 -4.64
C LEU A 414 -15.46 -39.17 -3.65
N ILE A 415 -15.73 -39.05 -2.35
CA ILE A 415 -15.07 -39.84 -1.26
C ILE A 415 -15.47 -41.32 -1.43
N ALA A 416 -16.69 -41.59 -1.91
CA ALA A 416 -17.22 -42.94 -2.18
C ALA A 416 -16.48 -43.59 -3.36
N LYS A 417 -15.97 -42.77 -4.30
CA LYS A 417 -15.21 -43.22 -5.49
C LYS A 417 -13.70 -43.27 -5.17
N LYS A 418 -13.32 -42.98 -3.92
CA LYS A 418 -11.91 -42.93 -3.44
C LYS A 418 -11.11 -41.97 -4.33
N ALA A 419 -11.63 -40.75 -4.51
CA ALA A 419 -11.01 -39.65 -5.29
C ALA A 419 -9.77 -39.16 -4.54
N ASP A 420 -8.65 -38.98 -5.26
CA ASP A 420 -7.33 -38.59 -4.70
C ASP A 420 -7.42 -37.17 -4.13
N LEU A 421 -7.27 -37.03 -2.81
CA LEU A 421 -7.39 -35.75 -2.05
C LEU A 421 -6.00 -35.18 -1.74
N SER A 422 -4.94 -35.99 -1.87
CA SER A 422 -3.52 -35.57 -1.69
C SER A 422 -3.12 -34.57 -2.78
N LEU A 423 -3.72 -34.70 -3.97
CA LEU A 423 -3.46 -33.81 -5.15
C LEU A 423 -3.67 -32.34 -4.74
N GLN A 424 -2.87 -31.45 -5.31
CA GLN A 424 -2.92 -29.98 -5.07
C GLN A 424 -3.04 -29.25 -6.42
N ASP A 425 -3.74 -28.10 -6.42
CA ASP A 425 -4.00 -27.28 -7.63
C ASP A 425 -2.72 -26.49 -7.98
N TYR A 426 -2.77 -25.67 -9.02
CA TYR A 426 -1.63 -24.86 -9.54
C TYR A 426 -1.15 -23.87 -8.47
N ASP A 427 -2.06 -23.40 -7.60
CA ASP A 427 -1.74 -22.52 -6.45
C ASP A 427 -0.94 -23.30 -5.40
N GLY A 428 -1.15 -24.62 -5.32
CA GLY A 428 -0.43 -25.53 -4.40
C GLY A 428 -1.31 -26.00 -3.26
N LYS A 429 -2.51 -25.41 -3.11
CA LYS A 429 -3.52 -25.80 -2.10
C LYS A 429 -4.06 -27.21 -2.42
N THR A 430 -4.18 -28.06 -1.40
CA THR A 430 -4.88 -29.38 -1.47
C THR A 430 -6.36 -29.16 -1.17
N ALA A 431 -7.14 -30.25 -1.09
CA ALA A 431 -8.55 -30.24 -0.63
C ALA A 431 -8.62 -29.78 0.83
N LEU A 432 -7.61 -30.12 1.63
CA LEU A 432 -7.53 -29.82 3.09
C LEU A 432 -7.34 -28.31 3.31
N HIS A 433 -6.54 -27.66 2.45
CA HIS A 433 -6.24 -26.20 2.48
C HIS A 433 -7.54 -25.40 2.38
N TYR A 434 -8.33 -25.66 1.34
CA TYR A 434 -9.63 -24.99 1.05
C TYR A 434 -10.64 -25.31 2.17
N ALA A 435 -10.60 -26.55 2.68
CA ALA A 435 -11.47 -27.04 3.79
C ALA A 435 -11.22 -26.20 5.05
N ALA A 436 -9.99 -25.72 5.24
CA ALA A 436 -9.57 -24.83 6.36
C ALA A 436 -9.91 -23.37 6.04
N GLU A 437 -9.46 -22.89 4.88
CA GLU A 437 -9.62 -21.49 4.41
C GLU A 437 -11.12 -21.12 4.40
N CYS A 438 -11.95 -21.97 3.80
CA CYS A 438 -13.43 -21.79 3.70
C CYS A 438 -14.06 -22.03 5.08
N GLY A 439 -13.35 -22.73 5.97
CA GLY A 439 -13.67 -22.85 7.40
C GLY A 439 -14.98 -23.57 7.66
N ASN A 440 -15.25 -24.63 6.91
CA ASN A 440 -16.40 -25.55 7.14
C ASN A 440 -15.87 -26.79 7.85
N MET A 441 -16.13 -26.89 9.16
CA MET A 441 -15.64 -27.97 10.07
C MET A 441 -16.28 -29.31 9.67
N GLN A 442 -17.48 -29.28 9.08
CA GLN A 442 -18.27 -30.50 8.73
C GLN A 442 -17.66 -31.18 7.51
N ILE A 443 -17.30 -30.43 6.47
CA ILE A 443 -16.63 -30.96 5.24
C ILE A 443 -15.18 -31.28 5.57
N MET A 444 -14.55 -30.49 6.45
CA MET A 444 -13.19 -30.74 7.01
C MET A 444 -13.17 -32.13 7.67
N GLY A 445 -14.22 -32.44 8.45
CA GLY A 445 -14.40 -33.73 9.13
C GLY A 445 -14.31 -34.89 8.15
N LYS A 446 -15.18 -34.90 7.13
CA LYS A 446 -15.26 -35.94 6.07
C LYS A 446 -13.88 -36.16 5.44
N ILE A 447 -13.10 -35.08 5.24
CA ILE A 447 -11.74 -35.12 4.61
C ILE A 447 -10.78 -35.86 5.54
N LEU A 448 -10.65 -35.42 6.80
CA LEU A 448 -9.70 -35.97 7.80
C LEU A 448 -9.80 -37.50 7.83
N LYS A 449 -11.02 -38.03 7.99
CA LYS A 449 -11.30 -39.49 8.11
C LYS A 449 -10.62 -40.24 6.97
N VAL A 450 -10.74 -39.72 5.74
CA VAL A 450 -10.17 -40.32 4.49
C VAL A 450 -8.65 -40.14 4.49
N VAL A 451 -8.17 -38.95 4.87
CA VAL A 451 -6.73 -38.56 4.86
C VAL A 451 -5.95 -39.48 5.81
N LEU A 452 -6.46 -39.67 7.04
CA LEU A 452 -5.80 -40.47 8.11
C LEU A 452 -5.71 -41.95 7.69
N SER A 453 -6.63 -42.41 6.84
CA SER A 453 -6.69 -43.81 6.31
C SER A 453 -5.47 -44.10 5.43
N GLN A 454 -5.03 -43.11 4.64
CA GLN A 454 -3.82 -43.20 3.77
C GLN A 454 -2.57 -43.40 4.65
N GLU A 455 -1.56 -44.10 4.12
CA GLU A 455 -0.30 -44.42 4.85
C GLU A 455 0.55 -43.16 5.01
N ASP A 456 0.74 -42.40 3.93
CA ASP A 456 1.44 -41.10 3.92
C ASP A 456 0.45 -39.98 4.31
N ALA A 457 -0.20 -40.13 5.47
CA ALA A 457 -1.18 -39.16 6.04
C ALA A 457 -0.42 -38.03 6.73
N ILE A 458 0.59 -38.37 7.53
CA ILE A 458 1.53 -37.42 8.19
C ILE A 458 2.16 -36.51 7.13
N LYS A 459 2.46 -37.05 5.95
CA LYS A 459 2.98 -36.27 4.79
C LYS A 459 1.86 -35.36 4.26
N VAL A 460 0.76 -35.97 3.78
CA VAL A 460 -0.41 -35.28 3.15
C VAL A 460 -0.77 -34.04 3.98
N LEU A 461 -0.91 -34.20 5.31
CA LEU A 461 -1.27 -33.12 6.26
C LEU A 461 -0.25 -31.97 6.16
N ASN A 462 1.04 -32.31 6.14
CA ASN A 462 2.17 -31.33 6.12
C ASN A 462 2.61 -31.08 4.67
N ILE A 463 1.67 -30.66 3.81
CA ILE A 463 1.94 -30.16 2.43
C ILE A 463 1.85 -28.63 2.45
N LYS A 464 2.82 -27.96 1.81
CA LYS A 464 2.89 -26.48 1.68
C LYS A 464 2.45 -26.08 0.27
N ASP A 465 1.66 -25.00 0.14
CA ASP A 465 1.26 -24.41 -1.16
C ASP A 465 2.37 -23.46 -1.62
N ASN A 466 2.20 -22.79 -2.77
CA ASN A 466 3.21 -21.89 -3.37
C ASN A 466 3.37 -20.61 -2.53
N HIS A 467 2.49 -20.39 -1.55
CA HIS A 467 2.59 -19.32 -0.52
C HIS A 467 3.35 -19.83 0.70
N GLY A 468 3.68 -21.14 0.74
CA GLY A 468 4.40 -21.79 1.86
C GLY A 468 3.46 -22.20 2.99
N LYS A 469 2.30 -21.54 3.12
CA LYS A 469 1.30 -21.76 4.18
C LYS A 469 0.75 -23.19 4.09
N THR A 470 0.92 -23.97 5.16
CA THR A 470 0.37 -25.35 5.31
C THR A 470 -1.14 -25.28 5.53
N ALA A 471 -1.81 -26.44 5.56
CA ALA A 471 -3.26 -26.61 5.82
C ALA A 471 -3.63 -25.93 7.15
N PHE A 472 -2.74 -26.03 8.14
CA PHE A 472 -2.91 -25.53 9.53
C PHE A 472 -2.84 -24.00 9.58
N HIS A 473 -1.93 -23.39 8.79
CA HIS A 473 -1.74 -21.91 8.72
C HIS A 473 -3.04 -21.24 8.26
N TYR A 474 -3.69 -21.80 7.25
CA TYR A 474 -4.99 -21.32 6.69
C TYR A 474 -6.09 -21.47 7.75
N ALA A 475 -6.04 -22.54 8.57
CA ALA A 475 -7.01 -22.86 9.63
C ALA A 475 -6.90 -21.84 10.78
N ALA A 476 -5.69 -21.32 11.04
CA ALA A 476 -5.41 -20.32 12.09
C ALA A 476 -5.87 -18.93 11.62
N GLU A 477 -5.46 -18.54 10.41
CA GLU A 477 -5.80 -17.24 9.77
C GLU A 477 -7.32 -17.14 9.57
N PHE A 478 -7.99 -18.28 9.36
CA PHE A 478 -9.46 -18.40 9.17
C PHE A 478 -9.99 -19.70 9.79
N GLY A 479 -10.96 -19.60 10.71
CA GLY A 479 -11.63 -20.75 11.33
C GLY A 479 -11.89 -20.55 12.81
N THR A 480 -12.28 -21.62 13.51
CA THR A 480 -12.66 -21.63 14.96
C THR A 480 -11.68 -22.48 15.74
N PRO A 481 -11.57 -22.31 17.08
CA PRO A 481 -10.69 -23.14 17.90
C PRO A 481 -11.02 -24.64 17.86
N GLU A 482 -12.30 -24.99 17.71
CA GLU A 482 -12.79 -26.40 17.65
C GLU A 482 -12.19 -27.08 16.41
N LEU A 483 -12.15 -26.35 15.28
CA LEU A 483 -11.49 -26.78 14.02
C LEU A 483 -9.99 -26.97 14.27
N ILE A 484 -9.33 -25.97 14.87
CA ILE A 484 -7.89 -25.99 15.25
C ILE A 484 -7.63 -27.20 16.16
N SER A 485 -8.55 -27.47 17.09
CA SER A 485 -8.50 -28.62 18.04
C SER A 485 -8.53 -29.94 17.26
N ALA A 486 -9.42 -30.05 16.26
CA ALA A 486 -9.59 -31.23 15.39
C ALA A 486 -8.36 -31.41 14.49
N LEU A 487 -7.56 -30.34 14.29
CA LEU A 487 -6.31 -30.35 13.49
C LEU A 487 -5.11 -30.73 14.37
N THR A 488 -5.09 -30.29 15.63
CA THR A 488 -3.98 -30.52 16.60
C THR A 488 -4.11 -31.93 17.22
N THR A 489 -5.34 -32.44 17.38
CA THR A 489 -5.63 -33.80 17.90
C THR A 489 -4.93 -34.85 17.04
N THR A 490 -4.74 -34.56 15.75
CA THR A 490 -4.05 -35.43 14.75
C THR A 490 -2.62 -35.75 15.21
N GLU A 491 -1.96 -34.79 15.86
CA GLU A 491 -0.55 -34.88 16.33
C GLU A 491 0.38 -34.78 15.10
N VAL A 492 0.12 -33.82 14.22
CA VAL A 492 1.00 -33.44 13.08
C VAL A 492 2.32 -32.89 13.65
N ILE A 493 2.23 -32.13 14.74
CA ILE A 493 3.36 -31.40 15.41
C ILE A 493 4.19 -30.68 14.32
N GLN A 494 3.51 -29.87 13.51
CA GLN A 494 4.15 -28.86 12.61
C GLN A 494 3.50 -27.50 12.91
N ILE A 495 3.14 -27.31 14.18
CA ILE A 495 2.54 -26.06 14.75
C ILE A 495 3.57 -24.92 14.71
N ASN A 496 4.85 -25.25 14.89
CA ASN A 496 5.97 -24.28 15.12
C ASN A 496 6.48 -23.71 13.79
N GLU A 497 6.18 -24.36 12.66
CA GLU A 497 6.76 -24.03 11.33
C GLU A 497 6.20 -22.70 10.84
N PRO A 498 7.05 -21.83 10.21
CA PRO A 498 6.56 -20.63 9.54
C PRO A 498 6.23 -20.88 8.06
N ASP A 499 5.61 -19.90 7.40
CA ASP A 499 5.30 -19.92 5.94
C ASP A 499 6.48 -19.30 5.19
N ASN A 500 6.29 -18.89 3.92
CA ASN A 500 7.34 -18.25 3.09
C ASN A 500 7.60 -16.82 3.61
N SER A 501 6.58 -16.14 4.12
CA SER A 501 6.64 -14.76 4.65
C SER A 501 7.34 -14.74 6.02
N GLY A 502 7.43 -15.90 6.69
CA GLY A 502 8.05 -16.06 8.01
C GLY A 502 7.04 -15.88 9.14
N SER A 503 5.75 -15.86 8.80
CA SER A 503 4.61 -15.76 9.75
C SER A 503 4.23 -17.16 10.24
N SER A 504 4.40 -17.42 11.54
CA SER A 504 3.99 -18.68 12.22
C SER A 504 2.47 -18.82 12.20
N ALA A 505 1.96 -19.99 12.56
CA ALA A 505 0.51 -20.29 12.66
C ALA A 505 -0.16 -19.26 13.60
N ILE A 506 0.41 -19.06 14.78
CA ILE A 506 -0.11 -18.18 15.86
C ILE A 506 0.00 -16.71 15.45
N THR A 507 1.03 -16.36 14.66
CA THR A 507 1.33 -14.97 14.21
C THR A 507 0.21 -14.46 13.29
N LEU A 508 -0.15 -15.26 12.27
CA LEU A 508 -1.27 -14.96 11.34
C LEU A 508 -2.57 -14.81 12.13
N ALA A 509 -2.79 -15.72 13.09
CA ALA A 509 -3.96 -15.75 13.99
C ALA A 509 -4.09 -14.42 14.76
N TYR A 510 -2.97 -13.89 15.24
CA TYR A 510 -2.91 -12.60 16.00
C TYR A 510 -3.31 -11.45 15.06
N LYS A 511 -2.67 -11.35 13.88
CA LYS A 511 -2.83 -10.22 12.93
C LYS A 511 -4.30 -10.07 12.52
N ASN A 512 -5.03 -11.19 12.39
CA ASN A 512 -6.45 -11.21 11.93
C ASN A 512 -7.42 -11.29 13.13
N HIS A 513 -6.96 -10.88 14.32
CA HIS A 513 -7.80 -10.67 15.54
C HIS A 513 -8.58 -11.93 15.92
N LYS A 514 -8.12 -13.11 15.49
CA LYS A 514 -8.75 -14.42 15.83
C LYS A 514 -8.31 -14.78 17.25
N LEU A 515 -8.98 -14.18 18.26
CA LEU A 515 -8.54 -14.15 19.68
C LEU A 515 -8.67 -15.54 20.31
N LYS A 516 -9.89 -16.08 20.37
CA LYS A 516 -10.19 -17.38 21.04
C LYS A 516 -9.32 -18.49 20.42
N ILE A 517 -9.03 -18.37 19.13
CA ILE A 517 -8.07 -19.25 18.39
C ILE A 517 -6.66 -18.97 18.94
N PHE A 518 -6.25 -17.70 18.95
CA PHE A 518 -4.92 -17.21 19.39
C PHE A 518 -4.63 -17.69 20.82
N ASP A 519 -5.61 -17.57 21.72
CA ASP A 519 -5.53 -18.04 23.14
C ASP A 519 -5.27 -19.55 23.18
N GLU A 520 -5.96 -20.31 22.33
CA GLU A 520 -5.86 -21.78 22.24
C GLU A 520 -4.46 -22.17 21.74
N LEU A 521 -3.92 -21.41 20.79
CA LEU A 521 -2.55 -21.61 20.22
C LEU A 521 -1.49 -21.16 21.24
N LEU A 522 -1.80 -20.17 22.07
CA LEU A 522 -0.91 -19.66 23.15
C LEU A 522 -0.91 -20.66 24.30
N ASN A 523 -2.10 -21.03 24.78
CA ASN A 523 -2.32 -22.07 25.83
C ASN A 523 -1.59 -23.36 25.45
N SER A 524 -1.56 -23.68 24.15
CA SER A 524 -0.84 -24.85 23.56
C SER A 524 0.68 -24.66 23.66
N GLY A 525 1.13 -23.44 23.93
CA GLY A 525 2.56 -23.11 24.15
C GLY A 525 3.37 -23.24 22.88
N ALA A 526 2.85 -22.75 21.75
CA ALA A 526 3.59 -22.62 20.46
C ALA A 526 4.74 -21.64 20.68
N ASP A 527 5.96 -22.04 20.32
CA ASP A 527 7.19 -21.22 20.52
C ASP A 527 6.97 -19.84 19.88
N ILE A 528 7.16 -18.77 20.66
CA ILE A 528 6.94 -17.35 20.25
C ILE A 528 7.94 -17.01 19.14
N SER A 529 7.52 -16.14 18.21
CA SER A 529 8.34 -15.68 17.05
C SER A 529 8.58 -14.17 17.16
N ASP A 530 9.83 -13.74 16.89
CA ASP A 530 10.27 -12.32 16.93
C ASP A 530 9.34 -11.46 16.07
N GLU A 531 8.88 -12.01 14.93
CA GLU A 531 8.02 -11.33 13.93
C GLU A 531 6.69 -10.89 14.57
N LEU A 532 6.14 -11.71 15.48
CA LEU A 532 4.85 -11.44 16.17
C LEU A 532 4.98 -10.20 17.07
N LEU A 533 6.07 -10.11 17.86
CA LEU A 533 6.31 -9.02 18.84
C LEU A 533 6.29 -7.66 18.12
N ASP A 534 6.72 -7.62 16.85
CA ASP A 534 6.76 -6.38 16.02
C ASP A 534 5.33 -6.00 15.59
N ALA A 535 4.46 -6.98 15.36
CA ALA A 535 3.01 -6.77 15.08
C ALA A 535 2.32 -6.22 16.32
N ILE A 536 2.70 -6.70 17.50
CA ILE A 536 2.19 -6.25 18.84
C ILE A 536 2.59 -4.78 19.04
N TRP A 537 3.75 -4.37 18.50
CA TRP A 537 4.29 -2.99 18.58
C TRP A 537 3.44 -2.03 17.72
N ALA A 538 3.11 -2.45 16.49
CA ALA A 538 2.35 -1.65 15.50
C ALA A 538 0.98 -1.26 16.06
N ARG A 539 0.28 -2.23 16.66
CA ARG A 539 -1.05 -2.03 17.34
C ARG A 539 -0.83 -1.40 18.72
N LYS A 540 0.38 -1.50 19.27
CA LYS A 540 0.78 -1.02 20.62
C LYS A 540 0.00 -1.81 21.67
N ASP A 541 -0.22 -3.10 21.44
CA ASP A 541 -1.08 -3.98 22.27
C ASP A 541 -0.30 -4.39 23.54
N LYS A 542 -0.54 -3.67 24.63
CA LYS A 542 0.13 -3.90 25.95
C LYS A 542 -0.39 -5.21 26.57
N GLU A 543 -1.70 -5.48 26.46
CA GLU A 543 -2.39 -6.60 27.16
C GLU A 543 -1.95 -7.94 26.58
N THR A 544 -1.98 -8.10 25.25
CA THR A 544 -1.62 -9.36 24.54
C THR A 544 -0.21 -9.79 24.96
N LEU A 545 0.73 -8.85 25.01
CA LEU A 545 2.10 -9.07 25.57
C LEU A 545 1.98 -9.52 27.02
N GLY A 546 1.09 -8.86 27.79
CA GLY A 546 0.76 -9.21 29.18
C GLY A 546 0.25 -10.64 29.33
N LYS A 547 -0.56 -11.10 28.38
CA LYS A 547 -1.06 -12.51 28.32
C LYS A 547 0.09 -13.45 27.94
N ILE A 548 0.93 -13.02 26.98
CA ILE A 548 2.09 -13.80 26.44
C ILE A 548 3.10 -14.03 27.57
N ILE A 549 3.56 -12.95 28.22
CA ILE A 549 4.56 -13.01 29.33
C ILE A 549 3.98 -13.83 30.50
N ALA A 550 2.66 -13.79 30.70
CA ALA A 550 1.95 -14.52 31.78
C ALA A 550 1.91 -16.02 31.47
N LYS A 551 1.41 -16.38 30.28
CA LYS A 551 1.15 -17.78 29.87
C LYS A 551 2.47 -18.48 29.52
N ASN A 552 3.41 -17.78 28.89
CA ASN A 552 4.75 -18.33 28.51
C ASN A 552 5.67 -18.32 29.74
N GLU A 553 5.82 -17.14 30.38
CA GLU A 553 6.55 -16.89 31.65
C GLU A 553 8.00 -17.39 31.58
N LYS A 554 8.62 -17.33 30.40
CA LYS A 554 10.10 -17.39 30.22
C LYS A 554 10.51 -16.59 28.97
N ILE A 555 9.68 -15.63 28.55
CA ILE A 555 9.91 -14.76 27.37
C ILE A 555 10.43 -13.39 27.86
N LEU A 556 10.87 -13.33 29.12
CA LEU A 556 11.42 -12.11 29.77
C LEU A 556 12.94 -12.05 29.55
N LEU A 557 13.54 -13.12 29.02
CA LEU A 557 14.96 -13.16 28.57
C LEU A 557 15.06 -12.47 27.20
N ASN A 558 14.01 -12.58 26.38
CA ASN A 558 13.93 -11.98 25.02
C ASN A 558 14.17 -10.46 25.13
N LYS A 559 15.24 -9.99 24.49
CA LYS A 559 15.66 -8.55 24.48
C LYS A 559 14.58 -7.70 23.82
N GLU A 560 14.09 -8.13 22.65
CA GLU A 560 13.11 -7.39 21.82
C GLU A 560 11.74 -7.34 22.53
N ALA A 561 11.44 -8.35 23.37
CA ALA A 561 10.23 -8.42 24.21
C ALA A 561 10.32 -7.40 25.35
N PHE A 562 11.54 -7.19 25.88
CA PHE A 562 11.84 -6.21 26.95
C PHE A 562 11.80 -4.79 26.36
N ARG A 563 12.20 -4.64 25.08
CA ARG A 563 12.21 -3.33 24.36
C ARG A 563 10.78 -2.79 24.26
N ILE A 564 9.87 -3.59 23.69
CA ILE A 564 8.43 -3.24 23.46
C ILE A 564 7.74 -3.00 24.82
N ALA A 565 8.22 -3.65 25.88
CA ALA A 565 7.75 -3.47 27.27
C ALA A 565 8.23 -2.12 27.83
N ILE A 566 9.44 -1.70 27.45
CA ILE A 566 10.06 -0.41 27.89
C ILE A 566 9.48 0.74 27.07
N SER A 567 9.42 0.59 25.74
CA SER A 567 9.09 1.67 24.76
C SER A 567 7.71 2.26 25.06
N LEU A 568 6.65 1.46 24.92
CA LEU A 568 5.24 1.87 25.16
C LEU A 568 4.73 1.28 26.48
N GLY A 569 5.27 0.13 26.89
CA GLY A 569 4.71 -0.72 27.96
C GLY A 569 4.67 -0.02 29.30
N SER A 570 3.75 -0.45 30.17
CA SER A 570 3.50 0.11 31.52
C SER A 570 4.70 -0.15 32.43
N VAL A 571 4.77 0.58 33.55
CA VAL A 571 5.74 0.32 34.67
C VAL A 571 5.57 -1.13 35.13
N SER A 572 4.33 -1.62 35.14
CA SER A 572 3.94 -2.99 35.58
C SER A 572 4.61 -4.05 34.69
N LEU A 573 4.47 -3.91 33.36
CA LEU A 573 5.08 -4.81 32.36
C LEU A 573 6.59 -4.86 32.55
N VAL A 574 7.23 -3.68 32.67
CA VAL A 574 8.70 -3.51 32.84
C VAL A 574 9.12 -4.15 34.17
N LYS A 575 8.37 -3.89 35.24
CA LYS A 575 8.62 -4.47 36.60
C LYS A 575 8.90 -5.97 36.47
N LYS A 576 8.05 -6.68 35.71
CA LYS A 576 8.10 -8.15 35.51
C LYS A 576 9.47 -8.59 34.97
N PHE A 577 10.09 -7.78 34.09
CA PHE A 577 11.39 -8.09 33.43
C PHE A 577 12.54 -7.93 34.44
N LEU A 578 12.46 -6.95 35.34
CA LEU A 578 13.48 -6.71 36.40
C LEU A 578 13.28 -7.71 37.54
N ARG A 579 12.06 -8.24 37.72
CA ARG A 579 11.77 -9.38 38.63
C ARG A 579 12.51 -10.62 38.10
N ALA A 580 12.36 -10.89 36.80
CA ALA A 580 13.11 -11.94 36.06
C ALA A 580 14.62 -11.68 36.20
N GLY A 581 15.02 -10.41 36.23
CA GLY A 581 16.36 -9.96 36.65
C GLY A 581 17.37 -10.05 35.52
N VAL A 582 17.29 -9.13 34.57
CA VAL A 582 18.31 -8.91 33.49
C VAL A 582 18.81 -7.46 33.61
N ASP A 583 20.08 -7.23 33.27
CA ASP A 583 20.83 -5.98 33.60
C ASP A 583 19.98 -4.75 33.21
N ILE A 584 19.99 -3.74 34.07
CA ILE A 584 19.19 -2.48 33.93
C ILE A 584 19.86 -1.60 32.87
N ASP A 585 21.13 -1.89 32.54
CA ASP A 585 21.93 -1.15 31.54
C ASP A 585 22.35 -2.09 30.40
N ILE A 586 21.53 -3.08 30.06
CA ILE A 586 21.77 -4.01 28.91
C ILE A 586 21.47 -3.25 27.61
N PRO A 587 22.45 -3.08 26.71
CA PRO A 587 22.18 -2.49 25.39
C PRO A 587 21.33 -3.46 24.56
N LEU A 588 20.23 -2.98 23.98
CA LEU A 588 19.16 -3.84 23.39
C LEU A 588 18.53 -3.20 22.15
N THR A 589 19.31 -2.40 21.41
CA THR A 589 19.01 -1.95 20.02
C THR A 589 20.32 -1.94 19.22
N LYS A 590 20.23 -1.75 17.89
CA LYS A 590 21.41 -1.67 16.99
C LYS A 590 22.39 -0.63 17.52
N ASP A 591 21.90 0.58 17.84
CA ASP A 591 22.72 1.74 18.26
C ASP A 591 23.07 1.65 19.75
N LYS A 592 22.86 0.49 20.39
CA LYS A 592 23.26 0.19 21.78
C LYS A 592 22.61 1.21 22.73
N ALA A 593 21.30 1.42 22.59
CA ALA A 593 20.48 2.24 23.51
C ALA A 593 20.24 1.45 24.80
N THR A 594 20.19 2.14 25.95
CA THR A 594 19.89 1.59 27.29
C THR A 594 18.37 1.48 27.43
N PRO A 595 17.82 0.60 28.29
CA PRO A 595 16.40 0.68 28.67
C PRO A 595 15.96 2.11 29.06
N LEU A 596 16.69 2.75 29.98
CA LEU A 596 16.42 4.14 30.45
C LEU A 596 16.25 5.08 29.26
N MET A 597 17.15 4.99 28.28
CA MET A 597 17.14 5.84 27.05
C MET A 597 15.81 5.64 26.30
N LEU A 598 15.42 4.39 26.10
CA LEU A 598 14.20 4.00 25.33
C LEU A 598 12.94 4.38 26.12
N SER A 599 13.02 4.39 27.46
CA SER A 599 11.92 4.78 28.38
C SER A 599 11.57 6.26 28.19
N ILE A 600 12.56 7.10 27.85
CA ILE A 600 12.40 8.56 27.63
C ILE A 600 11.67 8.80 26.30
N ASN A 601 12.17 8.20 25.20
CA ASN A 601 11.68 8.40 23.81
C ASN A 601 10.16 8.58 23.80
N SER A 602 9.42 7.69 24.46
CA SER A 602 7.94 7.71 24.55
C SER A 602 7.48 6.88 25.75
N GLY A 603 6.19 6.98 26.08
CA GLY A 603 5.53 6.24 27.18
C GLY A 603 5.39 7.08 28.44
N ASN A 604 5.24 6.42 29.58
CA ASN A 604 4.94 7.03 30.90
C ASN A 604 6.23 7.52 31.54
N PRO A 605 6.35 8.81 31.93
CA PRO A 605 7.52 9.27 32.69
C PRO A 605 7.65 8.63 34.08
N LYS A 606 6.59 7.98 34.58
CA LYS A 606 6.62 7.13 35.80
C LYS A 606 7.64 6.00 35.61
N LEU A 607 7.82 5.52 34.37
CA LEU A 607 8.77 4.44 34.01
C LEU A 607 10.21 4.95 34.16
N VAL A 608 10.50 6.14 33.61
CA VAL A 608 11.84 6.81 33.70
C VAL A 608 12.24 6.88 35.17
N SER A 609 11.41 7.53 36.00
CA SER A 609 11.62 7.76 37.45
C SER A 609 11.81 6.43 38.19
N TYR A 610 11.13 5.36 37.74
CA TYR A 610 11.24 3.99 38.33
C TYR A 610 12.62 3.41 38.04
N LEU A 611 13.04 3.39 36.77
CA LEU A 611 14.36 2.88 36.32
C LEU A 611 15.48 3.61 37.07
N LEU A 612 15.38 4.94 37.19
CA LEU A 612 16.34 5.79 37.96
C LEU A 612 16.32 5.39 39.44
N LYS A 613 15.14 5.10 40.00
CA LYS A 613 14.97 4.60 41.39
C LYS A 613 15.69 3.25 41.55
N LYS A 614 15.50 2.34 40.59
CA LYS A 614 16.11 0.98 40.58
C LYS A 614 17.64 1.08 40.40
N GLY A 615 18.15 2.25 40.05
CA GLY A 615 19.59 2.54 39.93
C GLY A 615 20.09 2.34 38.51
N ALA A 616 19.33 2.80 37.52
CA ALA A 616 19.67 2.74 36.08
C ALA A 616 20.77 3.77 35.78
N ASN A 617 21.91 3.31 35.27
CA ASN A 617 23.12 4.14 35.00
C ASN A 617 22.75 5.29 34.05
N THR A 618 22.88 6.53 34.53
CA THR A 618 22.53 7.78 33.79
C THR A 618 23.64 8.09 32.78
N ARG A 619 24.90 7.85 33.15
CA ARG A 619 26.10 8.25 32.35
C ARG A 619 26.52 7.09 31.44
N LEU A 620 25.73 6.83 30.39
CA LEU A 620 26.08 5.98 29.23
C LEU A 620 25.81 6.76 27.94
N THR A 621 26.32 6.25 26.82
CA THR A 621 26.23 6.88 25.48
C THR A 621 25.92 5.79 24.43
N ASP A 622 24.92 6.03 23.57
CA ASP A 622 24.59 5.15 22.43
C ASP A 622 25.78 5.16 21.45
N THR A 623 25.71 4.36 20.37
CA THR A 623 26.77 4.23 19.34
C THR A 623 27.26 5.61 18.90
N SER A 624 26.35 6.60 18.83
CA SER A 624 26.61 7.98 18.32
C SER A 624 27.09 8.91 19.44
N GLY A 625 27.10 8.44 20.70
CA GLY A 625 27.69 9.14 21.85
C GLY A 625 26.69 9.99 22.61
N ASN A 626 25.40 9.91 22.27
CA ASN A 626 24.33 10.78 22.82
C ASN A 626 23.97 10.33 24.24
N SER A 627 24.06 11.25 25.22
CA SER A 627 23.63 11.07 26.63
C SER A 627 22.13 10.72 26.68
N VAL A 628 21.64 10.33 27.85
CA VAL A 628 20.21 10.06 28.13
C VAL A 628 19.41 11.35 27.89
N LEU A 629 19.98 12.49 28.29
CA LEU A 629 19.34 13.83 28.22
C LEU A 629 19.17 14.26 26.76
N HIS A 630 20.01 13.76 25.85
CA HIS A 630 19.86 13.92 24.38
C HIS A 630 18.55 13.27 23.92
N TYR A 631 18.26 12.06 24.43
CA TYR A 631 17.10 11.22 24.07
C TYR A 631 15.78 11.92 24.44
N VAL A 632 15.82 12.86 25.39
CA VAL A 632 14.68 13.74 25.77
C VAL A 632 14.16 14.45 24.50
N PHE A 633 15.06 14.86 23.60
CA PHE A 633 14.76 15.66 22.39
C PHE A 633 14.47 14.75 21.20
N TYR A 634 14.28 13.44 21.44
CA TYR A 634 13.68 12.46 20.50
C TYR A 634 12.21 12.22 20.88
N SER A 635 11.76 12.80 22.00
CA SER A 635 10.36 12.75 22.50
C SER A 635 9.62 14.02 22.04
N LYS A 636 8.29 13.91 21.86
CA LYS A 636 7.39 15.04 21.49
C LYS A 636 7.56 16.17 22.51
N ALA A 637 7.56 17.42 22.03
CA ALA A 637 7.96 18.64 22.78
C ALA A 637 7.12 18.82 24.05
N GLU A 638 5.92 18.24 24.10
CA GLU A 638 4.98 18.34 25.27
C GLU A 638 5.66 17.76 26.51
N ASN A 639 6.08 16.49 26.44
CA ASN A 639 6.58 15.69 27.59
C ASN A 639 8.08 15.95 27.81
N ARG A 640 8.70 16.79 26.98
CA ARG A 640 10.15 17.09 26.96
C ARG A 640 10.57 17.76 28.27
N GLU A 641 9.75 18.70 28.76
CA GLU A 641 10.05 19.57 29.94
C GLU A 641 10.13 18.71 31.21
N ALA A 642 9.16 17.82 31.42
CA ALA A 642 9.08 16.91 32.59
C ALA A 642 10.30 15.99 32.61
N LEU A 643 10.56 15.30 31.49
CA LEU A 643 11.64 14.29 31.34
C LEU A 643 13.01 14.94 31.65
N ALA A 644 13.28 16.10 31.05
CA ALA A 644 14.54 16.87 31.22
C ALA A 644 14.78 17.16 32.70
N ASN A 645 13.71 17.49 33.45
CA ASN A 645 13.77 17.82 34.90
C ASN A 645 13.99 16.54 35.72
N ILE A 646 13.27 15.46 35.39
CA ILE A 646 13.32 14.16 36.10
C ILE A 646 14.75 13.59 36.04
N ILE A 647 15.43 13.76 34.90
CA ILE A 647 16.75 13.12 34.60
C ILE A 647 17.90 13.97 35.15
N THR A 648 17.76 15.31 35.15
CA THR A 648 18.79 16.27 35.64
C THR A 648 18.75 16.34 37.18
N GLU A 649 17.70 15.83 37.82
CA GLU A 649 17.60 15.74 39.31
C GLU A 649 18.59 14.70 39.83
N LYS A 650 18.74 13.58 39.11
CA LYS A 650 19.64 12.45 39.48
C LYS A 650 21.09 12.82 39.18
N ASP A 651 21.38 13.28 37.96
CA ASP A 651 22.74 13.37 37.37
C ASP A 651 23.28 14.80 37.46
N LYS A 652 22.59 15.76 36.81
CA LYS A 652 23.00 17.18 36.68
C LYS A 652 24.30 17.28 35.86
N LYS A 653 24.52 16.35 34.92
CA LYS A 653 25.61 16.42 33.90
C LYS A 653 24.95 16.49 32.51
N LEU A 654 24.44 17.67 32.17
CA LEU A 654 23.82 17.99 30.85
C LEU A 654 24.93 18.38 29.87
N ILE A 655 26.05 18.93 30.38
CA ILE A 655 27.24 19.37 29.59
C ILE A 655 27.81 18.20 28.79
N ASN A 656 27.68 16.97 29.32
CA ASN A 656 27.98 15.69 28.61
C ASN A 656 27.30 15.70 27.23
N GLN A 657 28.01 15.24 26.19
CA GLN A 657 27.61 15.45 24.77
C GLN A 657 28.18 14.34 23.87
N PRO A 658 27.62 14.15 22.65
CA PRO A 658 28.12 13.15 21.70
C PRO A 658 29.57 13.40 21.30
N ASN A 659 30.49 12.67 21.95
CA ASN A 659 31.95 12.63 21.62
C ASN A 659 32.13 12.64 20.10
N ALA A 660 31.24 11.96 19.37
CA ALA A 660 31.19 11.90 17.89
C ALA A 660 31.25 13.30 17.29
N ASN A 661 30.28 14.16 17.63
CA ASN A 661 30.19 15.57 17.14
C ASN A 661 30.78 16.51 18.20
N GLY A 662 30.33 16.40 19.45
CA GLY A 662 30.83 17.16 20.60
C GLY A 662 29.98 18.38 20.92
N ASN A 663 28.66 18.30 20.67
CA ASN A 663 27.69 19.38 21.00
C ASN A 663 26.56 18.78 21.86
N PRO A 664 26.30 19.34 23.07
CA PRO A 664 25.36 18.77 24.04
C PRO A 664 23.90 19.08 23.72
N PRO A 665 22.94 18.73 24.60
CA PRO A 665 21.51 18.88 24.30
C PRO A 665 21.05 20.30 23.93
N LEU A 666 21.73 21.35 24.41
CA LEU A 666 21.44 22.76 24.04
C LEU A 666 21.37 22.87 22.51
N TYR A 667 22.29 22.20 21.82
CA TYR A 667 22.32 22.09 20.33
C TYR A 667 21.03 21.41 19.84
N ASN A 668 20.73 20.23 20.39
CA ASN A 668 19.49 19.45 20.09
C ASN A 668 18.27 20.39 20.24
N ALA A 669 18.25 21.19 21.30
CA ALA A 669 17.16 22.14 21.65
C ALA A 669 17.02 23.21 20.55
N VAL A 670 18.13 23.73 20.04
CA VAL A 670 18.17 24.78 18.98
C VAL A 670 17.55 24.21 17.69
N VAL A 671 18.01 23.04 17.24
CA VAL A 671 17.71 22.50 15.89
C VAL A 671 16.30 21.90 15.83
N VAL A 672 15.62 21.72 16.98
CA VAL A 672 14.18 21.32 17.04
C VAL A 672 13.32 22.58 17.20
N ASN A 673 13.94 23.76 17.33
CA ASN A 673 13.28 25.09 17.46
C ASN A 673 12.47 25.17 18.77
N ASP A 674 12.77 24.29 19.74
CA ASP A 674 12.12 24.27 21.07
C ASP A 674 12.84 25.28 21.97
N LEU A 675 12.39 26.54 21.95
CA LEU A 675 12.95 27.66 22.75
C LEU A 675 12.74 27.38 24.23
N LYS A 676 11.57 26.86 24.60
CA LYS A 676 11.17 26.56 26.01
C LYS A 676 12.24 25.68 26.66
N MET A 677 12.77 24.70 25.93
CA MET A 677 13.84 23.78 26.41
C MET A 677 15.20 24.47 26.28
N ALA A 678 15.48 25.14 25.16
CA ALA A 678 16.71 25.91 24.90
C ALA A 678 16.93 26.93 26.03
N THR A 679 15.85 27.54 26.54
CA THR A 679 15.87 28.54 27.64
C THR A 679 16.11 27.85 28.98
N ILE A 680 15.25 26.90 29.36
CA ILE A 680 15.31 26.15 30.66
C ILE A 680 16.72 25.56 30.83
N LEU A 681 17.32 25.06 29.74
CA LEU A 681 18.65 24.41 29.74
C LEU A 681 19.74 25.46 30.00
N LEU A 682 19.68 26.61 29.31
CA LEU A 682 20.57 27.78 29.54
C LEU A 682 20.36 28.29 30.97
N GLU A 683 19.11 28.32 31.44
CA GLU A 683 18.71 28.70 32.82
C GLU A 683 19.33 27.72 33.83
N MET A 684 19.42 26.43 33.46
CA MET A 684 20.08 25.36 34.26
C MET A 684 21.60 25.54 34.25
N GLY A 685 22.10 26.64 33.70
CA GLY A 685 23.54 26.97 33.63
C GLY A 685 24.27 26.05 32.67
N ALA A 686 23.64 25.71 31.54
CA ALA A 686 24.23 24.90 30.44
C ALA A 686 25.36 25.71 29.79
N ARG A 687 26.56 25.13 29.72
CA ARG A 687 27.80 25.81 29.25
C ARG A 687 27.69 26.06 27.73
N VAL A 688 28.36 27.11 27.25
CA VAL A 688 28.36 27.54 25.81
C VAL A 688 29.80 27.51 25.28
N ASP A 689 30.68 26.73 25.93
CA ASP A 689 32.10 26.55 25.53
C ASP A 689 32.18 25.66 24.28
N PHE A 690 31.27 24.70 24.16
CA PHE A 690 31.34 23.54 23.22
C PHE A 690 31.36 24.01 21.76
N GLU A 691 31.60 23.05 20.86
CA GLU A 691 31.84 23.26 19.41
C GLU A 691 31.98 21.88 18.74
N ASP A 692 31.30 21.65 17.62
CA ASP A 692 31.32 20.34 16.91
C ASP A 692 32.70 20.13 16.29
N ARG A 693 32.96 18.93 15.75
CA ARG A 693 34.26 18.54 15.14
C ARG A 693 34.55 19.43 13.92
N LEU A 694 33.49 19.85 13.21
CA LEU A 694 33.57 20.64 11.95
C LEU A 694 33.76 22.13 12.26
N GLY A 695 33.72 22.50 13.55
CA GLY A 695 34.13 23.84 14.04
C GLY A 695 32.95 24.76 14.35
N ASN A 696 31.72 24.28 14.15
CA ASN A 696 30.47 25.09 14.32
C ASN A 696 30.17 25.25 15.82
N ASN A 697 29.85 26.49 16.23
CA ASN A 697 29.47 26.89 17.61
C ASN A 697 27.95 26.69 17.77
N ILE A 698 27.39 27.00 18.95
CA ILE A 698 25.92 26.97 19.21
C ILE A 698 25.24 28.04 18.32
N LEU A 699 25.85 29.22 18.20
CA LEU A 699 25.28 30.34 17.40
C LEU A 699 25.15 29.88 15.94
N HIS A 700 26.20 29.28 15.37
CA HIS A 700 26.20 28.70 13.99
C HIS A 700 24.89 27.95 13.74
N SER A 701 24.37 27.25 14.76
CA SER A 701 23.08 26.51 14.74
C SER A 701 21.91 27.47 15.04
N ALA A 702 22.05 28.29 16.08
CA ALA A 702 21.03 29.27 16.56
C ALA A 702 20.97 30.50 15.64
N MET A 703 21.61 30.39 14.48
CA MET A 703 21.82 31.50 13.52
C MET A 703 20.49 31.89 12.88
N ARG A 704 19.80 30.88 12.39
CA ARG A 704 18.53 31.03 11.65
C ARG A 704 17.46 30.17 12.32
N ARG A 705 17.81 28.95 12.72
CA ARG A 705 16.88 27.93 13.27
C ARG A 705 16.11 28.53 14.45
N CYS A 706 16.81 29.23 15.35
CA CYS A 706 16.24 29.83 16.58
C CYS A 706 15.21 30.91 16.19
N ASP A 707 15.53 31.73 15.18
CA ASP A 707 14.60 32.68 14.52
C ASP A 707 13.94 33.58 15.58
N LEU A 708 14.72 34.02 16.58
CA LEU A 708 14.25 34.87 17.70
C LEU A 708 15.45 35.52 18.39
N PRO A 709 15.54 36.86 18.42
CA PRO A 709 16.74 37.54 18.93
C PRO A 709 16.89 37.55 20.46
N ILE A 710 15.82 37.27 21.22
CA ILE A 710 15.82 37.27 22.72
C ILE A 710 16.91 36.34 23.24
N ILE A 711 17.00 35.10 22.72
CA ILE A 711 18.00 34.08 23.13
C ILE A 711 19.39 34.54 22.67
N LEU A 712 19.51 34.92 21.39
CA LEU A 712 20.77 35.33 20.72
C LEU A 712 21.48 36.40 21.56
N ASP A 713 20.72 37.30 22.18
CA ASP A 713 21.22 38.36 23.10
C ASP A 713 21.81 37.70 24.35
N ILE A 714 21.07 36.78 24.98
CA ILE A 714 21.41 36.17 26.31
C ILE A 714 22.60 35.21 26.13
N VAL A 715 22.71 34.52 24.99
CA VAL A 715 23.82 33.57 24.69
C VAL A 715 25.11 34.36 24.41
N LYS A 716 25.04 35.44 23.64
CA LYS A 716 26.21 36.29 23.27
C LYS A 716 26.73 37.01 24.52
N LYS A 717 25.87 37.23 25.52
CA LYS A 717 26.22 37.84 26.83
C LYS A 717 27.23 36.93 27.56
N ASP A 718 27.07 35.61 27.43
CA ASP A 718 27.91 34.59 28.13
C ASP A 718 29.32 34.56 27.51
N SER A 719 29.42 34.32 26.21
CA SER A 719 30.68 33.94 25.51
C SER A 719 30.85 34.72 24.21
N THR A 720 32.07 34.67 23.64
CA THR A 720 32.43 35.23 22.32
C THR A 720 32.19 34.13 21.26
N LEU A 721 31.54 34.50 20.15
CA LEU A 721 31.38 33.62 18.97
C LEU A 721 32.74 33.54 18.28
N LEU A 722 33.01 32.50 17.48
CA LEU A 722 34.27 32.38 16.70
C LEU A 722 33.96 31.74 15.34
N HIS A 723 34.42 32.38 14.26
CA HIS A 723 34.28 31.96 12.84
C HIS A 723 35.10 30.70 12.62
N LYS A 724 34.52 29.67 11.99
CA LYS A 724 35.24 28.40 11.72
C LYS A 724 34.64 27.65 10.53
N ARG A 725 35.47 26.80 9.91
CA ARG A 725 35.21 26.05 8.66
C ARG A 725 35.00 27.05 7.51
N ASN A 726 35.79 28.13 7.50
CA ASN A 726 35.82 29.20 6.46
C ASN A 726 34.40 29.74 6.22
N SER A 727 33.63 29.89 7.30
CA SER A 727 32.30 30.54 7.33
C SER A 727 32.12 31.27 8.66
N GLU A 728 32.27 32.59 8.65
CA GLU A 728 32.41 33.39 9.89
C GLU A 728 31.13 33.21 10.72
N ARG A 729 31.27 33.22 12.05
CA ARG A 729 30.18 33.36 13.04
C ARG A 729 28.93 32.60 12.58
N ARG A 730 27.77 33.09 13.01
CA ARG A 730 26.44 32.59 12.64
C ARG A 730 25.93 33.38 11.43
N ASN A 731 25.91 34.72 11.52
CA ASN A 731 25.42 35.63 10.45
C ASN A 731 26.11 35.30 9.14
N PRO A 732 27.46 35.23 9.12
CA PRO A 732 28.14 34.94 7.87
C PRO A 732 27.54 33.67 7.26
N PHE A 733 27.36 32.62 8.06
CA PHE A 733 26.90 31.29 7.59
C PHE A 733 25.37 31.27 7.42
N HIS A 734 24.66 32.19 8.08
CA HIS A 734 23.18 32.42 7.96
C HIS A 734 22.79 32.49 6.48
N GLN A 735 23.43 33.42 5.76
CA GLN A 735 23.08 33.79 4.36
C GLN A 735 23.45 32.66 3.39
N ALA A 736 24.47 31.87 3.72
CA ALA A 736 24.92 30.69 2.94
C ALA A 736 23.89 29.56 3.04
N LEU A 737 23.08 29.54 4.11
CA LEU A 737 22.08 28.47 4.40
C LEU A 737 20.68 28.89 3.92
N HIS A 738 20.41 30.20 3.81
CA HIS A 738 19.21 30.75 3.10
C HIS A 738 19.53 30.85 1.61
N GLU A 739 19.33 29.77 0.86
CA GLU A 739 19.67 29.67 -0.59
C GLU A 739 18.46 30.07 -1.43
N MET A 740 17.25 29.67 -1.02
CA MET A 740 16.01 29.88 -1.81
C MET A 740 15.58 31.35 -1.74
N HIS A 741 15.68 31.99 -0.57
CA HIS A 741 15.29 33.40 -0.30
C HIS A 741 13.93 33.67 -0.96
N THR A 742 12.86 33.06 -0.41
CA THR A 742 11.47 33.17 -0.90
C THR A 742 11.05 34.65 -0.89
N PHE A 743 10.49 35.12 -2.00
CA PHE A 743 10.18 36.56 -2.26
C PHE A 743 9.13 37.07 -1.28
N PRO A 744 8.02 36.32 -1.03
CA PRO A 744 7.01 36.75 -0.06
C PRO A 744 7.58 37.05 1.32
N SER A 745 8.57 36.26 1.76
CA SER A 745 9.25 36.35 3.07
C SER A 745 10.63 37.00 2.95
N SER A 746 11.02 37.44 1.75
CA SER A 746 12.34 38.06 1.47
C SER A 746 12.47 39.40 2.21
N LYS A 747 11.33 40.07 2.47
CA LYS A 747 11.28 41.31 3.30
C LYS A 747 11.50 40.92 4.77
N GLU A 748 10.98 39.76 5.19
CA GLU A 748 11.16 39.19 6.55
C GLU A 748 12.59 38.66 6.70
N THR A 749 13.18 38.14 5.60
CA THR A 749 14.54 37.53 5.56
C THR A 749 15.60 38.62 5.64
N GLU A 750 15.40 39.76 4.97
CA GLU A 750 16.33 40.93 5.03
C GLU A 750 16.01 41.77 6.28
N GLU A 751 14.99 41.39 7.05
CA GLU A 751 14.51 42.10 8.26
C GLU A 751 15.08 41.45 9.53
N ILE A 752 15.15 40.11 9.58
CA ILE A 752 15.73 39.36 10.74
C ILE A 752 17.20 39.76 10.91
N HIS A 753 17.93 39.86 9.79
CA HIS A 753 19.38 40.16 9.74
C HIS A 753 19.66 41.58 10.28
N PHE A 754 18.65 42.46 10.27
CA PHE A 754 18.70 43.81 10.91
C PHE A 754 18.96 43.67 12.40
N MET A 755 18.05 42.98 13.10
CA MET A 755 18.08 42.77 14.57
C MET A 755 19.28 41.86 14.91
N ASN A 756 19.80 41.13 13.92
CA ASN A 756 21.00 40.26 14.06
C ASN A 756 22.29 41.10 13.99
N LEU A 757 22.36 42.05 13.05
CA LEU A 757 23.64 42.74 12.68
C LEU A 757 23.89 43.94 13.60
N SER A 758 22.87 44.75 13.89
CA SER A 758 22.94 45.89 14.84
C SER A 758 23.45 45.40 16.20
N ASP A 759 23.34 44.09 16.45
CA ASP A 759 23.98 43.36 17.59
C ASP A 759 25.43 43.04 17.22
N LEU A 760 25.67 42.43 16.05
CA LEU A 760 27.01 42.02 15.54
C LEU A 760 27.96 43.23 15.51
N LEU A 761 27.47 44.39 15.09
CA LEU A 761 28.26 45.64 14.92
C LEU A 761 28.86 46.07 16.27
N LEU A 762 28.11 45.88 17.36
CA LEU A 762 28.61 46.08 18.75
C LEU A 762 29.88 45.25 18.95
N LYS A 763 29.87 44.00 18.50
CA LYS A 763 30.94 42.98 18.73
C LYS A 763 31.96 42.98 17.59
N GLU A 764 31.93 43.98 16.71
CA GLU A 764 32.95 44.25 15.65
C GLU A 764 33.38 42.96 14.95
N GLY A 765 32.45 42.29 14.25
CA GLY A 765 32.75 41.15 13.37
C GLY A 765 33.82 41.51 12.37
N VAL A 766 34.87 40.69 12.26
CA VAL A 766 36.12 41.01 11.50
C VAL A 766 35.79 41.17 10.01
N ASP A 767 34.77 40.47 9.52
CA ASP A 767 34.28 40.55 8.11
C ASP A 767 35.38 40.00 7.19
N LEU A 768 35.76 38.74 7.38
CA LEU A 768 36.74 37.99 6.55
C LEU A 768 36.01 37.42 5.32
N ASN A 769 36.68 36.58 4.53
CA ASN A 769 36.05 35.79 3.45
C ASN A 769 35.15 34.74 4.11
N LYS A 770 33.97 34.50 3.53
CA LYS A 770 32.87 33.71 4.12
C LYS A 770 32.47 32.59 3.15
N LYS A 771 33.46 31.97 2.50
CA LYS A 771 33.27 30.81 1.60
C LYS A 771 34.64 30.20 1.27
N ASP A 772 34.64 28.94 0.84
CA ASP A 772 35.86 28.18 0.44
C ASP A 772 36.11 28.38 -1.05
N ILE A 773 35.22 29.12 -1.75
CA ILE A 773 35.36 29.48 -3.19
C ILE A 773 35.56 31.00 -3.31
N LYS A 774 36.01 31.64 -2.21
CA LYS A 774 36.42 33.07 -2.12
C LYS A 774 35.19 33.98 -1.92
N GLY A 775 33.98 33.42 -1.88
CA GLY A 775 32.75 34.16 -1.54
C GLY A 775 32.83 34.77 -0.15
N LYS A 776 32.14 35.91 0.08
CA LYS A 776 32.12 36.62 1.38
C LYS A 776 30.72 37.19 1.64
N THR A 777 30.51 37.79 2.81
CA THR A 777 29.20 38.30 3.31
C THR A 777 28.57 39.23 2.27
N ILE A 778 29.38 40.08 1.62
CA ILE A 778 28.90 41.16 0.71
C ILE A 778 28.62 40.58 -0.69
N LEU A 779 29.37 39.58 -1.14
CA LEU A 779 29.13 38.91 -2.45
C LEU A 779 27.86 38.05 -2.33
N ASP A 780 27.69 37.36 -1.19
CA ASP A 780 26.54 36.44 -0.93
C ASP A 780 25.25 37.26 -0.87
N ILE A 781 25.22 38.33 -0.04
CA ILE A 781 24.05 39.25 0.11
C ILE A 781 23.70 39.85 -1.26
N ALA A 782 24.71 40.17 -2.07
CA ALA A 782 24.57 40.70 -3.45
C ALA A 782 23.95 39.62 -4.35
N LEU A 783 24.40 38.37 -4.19
CA LEU A 783 23.85 37.19 -4.90
C LEU A 783 22.44 36.87 -4.36
N SER A 784 22.23 37.10 -3.05
CA SER A 784 20.97 36.78 -2.31
C SER A 784 19.84 37.72 -2.73
N LYS A 785 20.17 38.96 -3.14
CA LYS A 785 19.21 40.04 -3.46
C LYS A 785 18.35 40.36 -2.23
N GLN A 786 18.97 40.36 -1.05
CA GLN A 786 18.39 40.86 0.24
C GLN A 786 18.98 42.26 0.51
N TYR A 787 19.67 42.81 -0.49
CA TYR A 787 20.46 44.08 -0.48
C TYR A 787 19.73 45.20 0.28
N PHE A 788 18.45 45.45 -0.03
CA PHE A 788 17.70 46.67 0.37
C PHE A 788 18.13 47.08 1.79
N HIS A 789 18.18 46.11 2.70
CA HIS A 789 18.57 46.31 4.12
C HIS A 789 20.09 46.16 4.28
N LEU A 790 20.60 44.93 4.20
CA LEU A 790 21.98 44.55 4.62
C LEU A 790 23.01 45.35 3.82
N CYS A 791 23.10 45.10 2.51
CA CYS A 791 24.15 45.60 1.59
C CYS A 791 24.63 47.00 2.02
N VAL A 792 23.71 47.95 2.19
CA VAL A 792 24.04 49.36 2.60
C VAL A 792 24.48 49.37 4.06
N LYS A 793 23.72 48.75 4.96
CA LYS A 793 23.97 48.77 6.43
C LYS A 793 25.36 48.17 6.73
N LEU A 794 25.79 47.17 5.95
CA LEU A 794 27.15 46.59 6.00
C LEU A 794 28.17 47.64 5.51
N MET A 795 27.93 48.21 4.33
CA MET A 795 28.82 49.18 3.66
C MET A 795 29.03 50.42 4.53
N LYS A 796 27.94 50.95 5.10
CA LYS A 796 27.98 52.05 6.12
C LYS A 796 28.87 51.60 7.29
N ALA A 797 28.58 50.42 7.84
CA ALA A 797 29.27 49.84 9.03
C ALA A 797 30.75 49.59 8.73
N GLY A 798 31.17 49.72 7.47
CA GLY A 798 32.58 49.68 7.05
C GLY A 798 32.97 48.32 6.49
N ALA A 799 31.99 47.41 6.31
CA ALA A 799 32.20 46.06 5.74
C ALA A 799 32.70 46.19 4.30
N HIS A 800 33.88 45.62 4.02
CA HIS A 800 34.55 45.66 2.69
C HIS A 800 33.65 45.04 1.63
N THR A 801 33.63 45.61 0.42
CA THR A 801 32.90 45.10 -0.76
C THR A 801 33.57 43.79 -1.25
N ASN A 802 32.91 43.08 -2.17
CA ASN A 802 33.35 41.75 -2.67
C ASN A 802 34.62 41.91 -3.51
N ILE A 803 35.52 40.91 -3.43
CA ILE A 803 36.78 40.84 -4.22
C ILE A 803 36.51 40.06 -5.51
N PRO B 4 -13.97 23.88 5.62
CA PRO B 4 -12.53 23.77 5.90
C PRO B 4 -11.77 25.07 5.54
N GLU B 5 -11.78 25.46 4.25
CA GLU B 5 -11.29 26.76 3.74
C GLU B 5 -9.82 26.98 4.12
N TYR B 6 -8.97 25.96 3.96
CA TYR B 6 -7.51 26.06 4.26
C TYR B 6 -6.73 26.27 2.96
N ASP B 7 -5.72 27.13 3.04
CA ASP B 7 -5.21 27.95 1.90
C ASP B 7 -4.84 27.04 0.72
N TYR B 8 -4.04 25.98 0.93
CA TYR B 8 -3.41 25.24 -0.21
C TYR B 8 -3.66 23.73 -0.13
N LEU B 9 -3.48 23.05 1.01
CA LEU B 9 -3.65 21.58 1.13
C LEU B 9 -2.74 20.91 0.07
N PHE B 10 -1.42 20.99 0.26
CA PHE B 10 -0.40 20.43 -0.66
C PHE B 10 -0.30 18.92 -0.45
N LYS B 11 -0.06 18.18 -1.54
CA LYS B 11 0.22 16.71 -1.55
C LYS B 11 1.72 16.52 -1.78
N LEU B 12 2.43 15.95 -0.80
CA LEU B 12 3.91 15.72 -0.84
C LEU B 12 4.19 14.22 -0.81
N LEU B 13 5.32 13.80 -1.41
CA LEU B 13 5.71 12.37 -1.59
C LEU B 13 7.20 12.20 -1.28
N LEU B 14 7.52 11.37 -0.27
CA LEU B 14 8.91 10.96 0.09
C LEU B 14 9.21 9.63 -0.61
N ILE B 15 10.17 9.63 -1.56
CA ILE B 15 10.60 8.43 -2.32
C ILE B 15 12.13 8.32 -2.25
N GLY B 16 12.66 7.09 -2.27
CA GLY B 16 14.10 6.80 -2.16
C GLY B 16 14.35 5.37 -1.72
N ASP B 17 15.59 4.88 -1.87
CA ASP B 17 16.02 3.51 -1.50
C ASP B 17 15.57 3.21 -0.06
N SER B 18 14.96 2.04 0.15
CA SER B 18 14.45 1.56 1.47
C SER B 18 15.59 1.54 2.50
N GLY B 19 15.51 2.44 3.49
CA GLY B 19 16.45 2.48 4.64
C GLY B 19 17.00 3.88 4.92
N VAL B 20 16.90 4.80 3.95
CA VAL B 20 17.50 6.17 4.02
C VAL B 20 16.86 6.96 5.16
N GLY B 21 15.60 6.67 5.50
CA GLY B 21 14.89 7.28 6.64
C GLY B 21 13.73 8.15 6.19
N LYS B 22 12.96 7.70 5.19
CA LYS B 22 11.74 8.38 4.68
C LYS B 22 10.69 8.42 5.80
N SER B 23 10.53 7.31 6.52
CA SER B 23 9.58 7.14 7.65
C SER B 23 10.01 8.00 8.85
N CYS B 24 11.27 7.85 9.26
CA CYS B 24 11.89 8.60 10.39
C CYS B 24 11.75 10.11 10.16
N LEU B 25 11.98 10.58 8.93
CA LEU B 25 11.85 12.00 8.53
C LEU B 25 10.40 12.45 8.74
N LEU B 26 9.43 11.68 8.24
CA LEU B 26 7.99 12.01 8.24
C LEU B 26 7.47 12.15 9.68
N LEU B 27 7.80 11.18 10.54
CA LEU B 27 7.36 11.15 11.97
C LEU B 27 7.97 12.32 12.74
N ARG B 28 9.22 12.69 12.41
CA ARG B 28 9.95 13.82 13.06
C ARG B 28 9.32 15.15 12.60
N PHE B 29 8.71 15.19 11.42
CA PHE B 29 8.00 16.38 10.88
C PHE B 29 6.57 16.40 11.43
N ALA B 30 5.87 15.26 11.38
CA ALA B 30 4.44 15.12 11.73
C ALA B 30 4.25 15.08 13.25
N ASP B 31 4.80 14.07 13.92
CA ASP B 31 4.61 13.79 15.36
C ASP B 31 5.70 14.47 16.20
N ASP B 32 6.75 14.99 15.55
CA ASP B 32 7.91 15.65 16.21
C ASP B 32 8.53 14.69 17.22
N THR B 33 8.80 13.46 16.81
CA THR B 33 9.45 12.40 17.63
C THR B 33 10.55 11.70 16.81
N TYR B 34 11.26 10.77 17.44
CA TYR B 34 12.21 9.84 16.77
C TYR B 34 12.35 8.58 17.63
N THR B 35 12.13 7.41 17.03
CA THR B 35 12.41 6.07 17.62
C THR B 35 13.39 5.34 16.70
N GLU B 36 14.29 4.55 17.28
CA GLU B 36 15.45 3.93 16.59
C GLU B 36 14.97 2.85 15.61
N SER B 37 13.90 2.14 15.94
CA SER B 37 13.26 1.10 15.08
C SER B 37 12.21 1.74 14.17
N TYR B 38 11.58 0.93 13.32
CA TYR B 38 10.47 1.34 12.41
C TYR B 38 9.17 0.71 12.92
N ILE B 39 8.19 1.55 13.29
CA ILE B 39 6.84 1.13 13.76
C ILE B 39 6.04 0.65 12.55
N SER B 40 6.31 1.21 11.36
CA SER B 40 5.57 1.00 10.09
C SER B 40 4.22 1.71 10.15
N THR B 41 3.94 2.41 11.26
CA THR B 41 2.64 3.02 11.60
C THR B 41 1.51 2.16 11.01
N ILE B 42 1.48 0.86 11.35
CA ILE B 42 0.44 -0.11 10.92
C ILE B 42 -0.02 0.23 9.49
N GLY B 43 0.93 0.37 8.55
CA GLY B 43 0.66 0.72 7.15
C GLY B 43 -0.39 1.81 7.02
N VAL B 44 -0.21 2.94 7.73
CA VAL B 44 -1.07 4.15 7.63
C VAL B 44 -0.98 4.67 6.19
N ASP B 45 0.24 4.73 5.65
CA ASP B 45 0.58 4.98 4.22
C ASP B 45 0.70 6.48 3.93
N PHE B 46 0.42 7.35 4.90
CA PHE B 46 0.49 8.83 4.76
C PHE B 46 0.47 9.50 6.14
N LYS B 47 0.83 10.78 6.17
CA LYS B 47 0.81 11.63 7.39
C LYS B 47 0.45 13.07 6.97
N ILE B 48 -0.16 13.83 7.89
CA ILE B 48 -0.66 15.22 7.61
C ILE B 48 -0.07 16.18 8.65
N ARG B 49 0.20 17.42 8.24
CA ARG B 49 0.65 18.53 9.11
C ARG B 49 0.30 19.87 8.43
N THR B 50 -0.28 20.80 9.20
CA THR B 50 -0.71 22.15 8.74
C THR B 50 0.32 23.19 9.21
N ILE B 51 0.89 23.96 8.27
CA ILE B 51 1.99 24.93 8.52
C ILE B 51 1.60 26.31 7.97
N GLU B 52 1.90 27.38 8.71
CA GLU B 52 1.59 28.79 8.35
C GLU B 52 2.85 29.43 7.75
N LEU B 53 2.89 29.53 6.41
CA LEU B 53 4.03 30.07 5.63
C LEU B 53 3.54 31.27 4.80
N ASP B 54 4.15 32.44 5.00
CA ASP B 54 3.83 33.73 4.31
C ASP B 54 2.45 34.22 4.76
N GLY B 55 2.17 34.13 6.07
CA GLY B 55 0.89 34.53 6.70
C GLY B 55 -0.29 33.79 6.09
N LYS B 56 -0.07 32.57 5.61
CA LYS B 56 -1.08 31.72 4.91
C LYS B 56 -0.99 30.30 5.45
N THR B 57 -2.07 29.80 6.05
CA THR B 57 -2.17 28.44 6.69
C THR B 57 -2.26 27.37 5.59
N ILE B 58 -1.21 26.54 5.47
CA ILE B 58 -1.08 25.47 4.44
C ILE B 58 -1.17 24.10 5.13
N LYS B 59 -2.06 23.22 4.65
CA LYS B 59 -2.09 21.79 5.03
C LYS B 59 -1.14 21.01 4.09
N LEU B 60 -0.38 20.06 4.65
CA LEU B 60 0.53 19.16 3.88
C LEU B 60 0.07 17.71 4.06
N GLN B 61 -0.41 17.07 2.99
CA GLN B 61 -0.65 15.60 2.92
C GLN B 61 0.63 14.94 2.42
N ILE B 62 1.33 14.21 3.30
CA ILE B 62 2.68 13.64 3.04
C ILE B 62 2.58 12.11 3.01
N TRP B 63 2.94 11.50 1.87
CA TRP B 63 2.81 10.04 1.61
C TRP B 63 4.19 9.36 1.66
N ASP B 64 4.29 8.25 2.38
CA ASP B 64 5.53 7.45 2.58
C ASP B 64 5.50 6.24 1.63
N THR B 65 6.63 5.97 0.98
CA THR B 65 6.80 4.84 0.03
C THR B 65 7.02 3.53 0.82
N ALA B 66 6.22 2.51 0.54
CA ALA B 66 6.31 1.16 1.15
C ALA B 66 7.19 0.26 0.28
N GLY B 67 7.37 -1.00 0.68
CA GLY B 67 8.15 -2.02 -0.06
C GLY B 67 7.34 -2.67 -1.16
N GLN B 68 6.01 -2.68 -1.03
CA GLN B 68 5.07 -3.35 -1.96
C GLN B 68 3.78 -2.52 -2.07
N SER B 76 -5.31 2.50 -5.58
CA SER B 76 -5.93 2.86 -6.89
C SER B 76 -5.10 3.94 -7.60
N SER B 77 -3.77 3.79 -7.61
CA SER B 77 -2.80 4.72 -8.23
C SER B 77 -3.01 6.14 -7.70
N TYR B 78 -2.76 6.36 -6.40
CA TYR B 78 -2.91 7.67 -5.70
C TYR B 78 -1.58 8.43 -5.65
N TYR B 79 -0.49 7.80 -6.09
CA TYR B 79 0.91 8.25 -5.86
C TYR B 79 1.37 9.23 -6.96
N ARG B 80 0.57 9.41 -8.00
CA ARG B 80 0.82 10.42 -9.08
C ARG B 80 0.31 11.79 -8.64
N GLY B 81 -0.65 11.83 -7.70
CA GLY B 81 -1.40 13.04 -7.30
C GLY B 81 -0.52 14.14 -6.71
N ALA B 82 0.69 13.80 -6.24
CA ALA B 82 1.60 14.69 -5.47
C ALA B 82 1.90 15.98 -6.26
N HIS B 83 1.95 17.12 -5.55
CA HIS B 83 2.37 18.44 -6.06
C HIS B 83 3.90 18.56 -5.98
N GLY B 84 4.52 17.89 -5.01
CA GLY B 84 5.99 17.87 -4.80
C GLY B 84 6.48 16.50 -4.38
N ILE B 85 7.69 16.12 -4.83
CA ILE B 85 8.36 14.83 -4.50
C ILE B 85 9.70 15.14 -3.83
N ILE B 86 9.87 14.72 -2.58
CA ILE B 86 11.16 14.81 -1.81
C ILE B 86 11.93 13.51 -2.02
N VAL B 87 12.86 13.48 -2.98
CA VAL B 87 13.78 12.33 -3.23
C VAL B 87 14.81 12.31 -2.09
N VAL B 88 14.78 11.25 -1.27
CA VAL B 88 15.68 11.08 -0.08
C VAL B 88 16.81 10.12 -0.46
N TYR B 89 18.00 10.32 0.12
CA TYR B 89 19.15 9.38 0.10
C TYR B 89 19.82 9.39 1.48
N ASP B 90 20.58 8.33 1.78
CA ASP B 90 21.35 8.16 3.04
C ASP B 90 22.79 8.61 2.77
N VAL B 91 23.32 9.53 3.59
CA VAL B 91 24.72 10.05 3.46
C VAL B 91 25.71 8.92 3.76
N THR B 92 25.35 7.99 4.65
CA THR B 92 26.20 6.86 5.11
C THR B 92 26.10 5.68 4.15
N ASP B 93 25.36 5.82 3.04
CA ASP B 93 25.14 4.77 2.01
C ASP B 93 25.36 5.39 0.62
N GLN B 94 26.51 5.11 0.00
CA GLN B 94 26.89 5.61 -1.35
C GLN B 94 25.87 5.12 -2.38
N GLU B 95 25.48 3.85 -2.29
CA GLU B 95 24.54 3.16 -3.23
C GLU B 95 23.19 3.89 -3.23
N SER B 96 22.76 4.39 -2.07
CA SER B 96 21.46 5.10 -1.87
C SER B 96 21.47 6.45 -2.60
N TYR B 97 22.65 7.05 -2.79
CA TYR B 97 22.85 8.31 -3.55
C TYR B 97 23.00 7.99 -5.05
N ALA B 98 23.64 6.86 -5.38
CA ALA B 98 23.86 6.39 -6.77
C ALA B 98 22.50 6.14 -7.46
N ASN B 99 21.53 5.61 -6.71
CA ASN B 99 20.17 5.24 -7.21
C ASN B 99 19.29 6.49 -7.34
N VAL B 100 19.71 7.64 -6.79
CA VAL B 100 18.97 8.93 -6.86
C VAL B 100 18.69 9.27 -8.33
N LYS B 101 19.66 9.03 -9.22
CA LYS B 101 19.57 9.34 -10.68
C LYS B 101 18.37 8.59 -11.28
N GLN B 102 18.22 7.30 -10.95
CA GLN B 102 17.12 6.44 -11.44
C GLN B 102 15.78 6.89 -10.85
N TRP B 103 15.78 7.34 -9.59
CA TRP B 103 14.57 7.89 -8.91
C TRP B 103 14.13 9.19 -9.61
N LEU B 104 15.10 10.00 -10.05
CA LEU B 104 14.85 11.31 -10.71
C LEU B 104 14.29 11.11 -12.13
N GLN B 105 14.61 9.98 -12.77
CA GLN B 105 14.15 9.66 -14.16
C GLN B 105 12.88 8.80 -14.10
N GLU B 106 12.45 8.39 -12.90
CA GLU B 106 11.16 7.69 -12.66
C GLU B 106 10.06 8.70 -12.33
N ILE B 107 10.43 9.98 -12.12
CA ILE B 107 9.46 11.12 -12.04
C ILE B 107 9.33 11.77 -13.41
N ASP B 108 10.36 11.64 -14.26
CA ASP B 108 10.36 12.11 -15.68
C ASP B 108 9.36 11.27 -16.49
N ARG B 109 9.21 9.99 -16.15
CA ARG B 109 8.28 9.04 -16.82
C ARG B 109 6.85 9.28 -16.33
N TYR B 110 6.58 8.98 -15.06
CA TYR B 110 5.22 8.71 -14.50
C TYR B 110 4.71 9.87 -13.64
N ALA B 111 5.10 11.12 -13.94
CA ALA B 111 4.63 12.33 -13.22
C ALA B 111 4.88 13.59 -14.06
N SER B 112 4.08 14.63 -13.82
CA SER B 112 4.15 15.96 -14.49
C SER B 112 5.56 16.53 -14.30
N GLU B 113 6.16 17.07 -15.36
CA GLU B 113 7.49 17.74 -15.31
C GLU B 113 7.35 19.11 -14.63
N ASN B 114 6.12 19.58 -14.40
CA ASN B 114 5.79 20.80 -13.62
C ASN B 114 5.99 20.53 -12.13
N VAL B 115 5.95 19.28 -11.69
CA VAL B 115 6.07 18.86 -10.26
C VAL B 115 7.39 19.43 -9.70
N ASN B 116 7.39 19.82 -8.43
CA ASN B 116 8.55 20.42 -7.73
C ASN B 116 9.34 19.32 -7.03
N LYS B 117 10.66 19.29 -7.25
CA LYS B 117 11.60 18.25 -6.75
C LYS B 117 12.45 18.86 -5.63
N LEU B 118 13.04 18.00 -4.79
CA LEU B 118 13.93 18.39 -3.66
C LEU B 118 14.75 17.18 -3.23
N LEU B 119 16.08 17.32 -3.23
CA LEU B 119 17.04 16.25 -2.84
C LEU B 119 17.37 16.40 -1.35
N VAL B 120 17.19 15.33 -0.57
CA VAL B 120 17.45 15.33 0.91
C VAL B 120 18.44 14.21 1.24
N GLY B 121 19.62 14.58 1.73
CA GLY B 121 20.63 13.66 2.29
C GLY B 121 20.43 13.46 3.78
N ASN B 122 19.72 12.39 4.17
CA ASN B 122 19.33 12.10 5.58
C ASN B 122 20.51 11.44 6.30
N LYS B 123 20.43 11.39 7.65
CA LYS B 123 21.44 10.77 8.55
C LYS B 123 22.70 11.64 8.58
N SER B 124 22.51 12.97 8.56
CA SER B 124 23.59 13.99 8.64
C SER B 124 24.33 13.86 9.98
N ASP B 125 23.66 13.33 11.01
CA ASP B 125 24.20 13.21 12.40
C ASP B 125 25.31 12.17 12.46
N LEU B 126 25.27 11.13 11.62
CA LEU B 126 26.34 10.11 11.49
C LEU B 126 27.50 10.72 10.68
N THR B 127 28.04 11.85 11.15
CA THR B 127 29.21 12.56 10.59
C THR B 127 30.41 11.62 10.57
N THR B 128 30.59 10.88 11.67
CA THR B 128 31.67 9.87 11.89
C THR B 128 31.67 8.81 10.78
N LYS B 129 30.54 8.55 10.13
CA LYS B 129 30.37 7.47 9.11
C LYS B 129 29.79 8.04 7.82
N LYS B 130 30.19 9.26 7.43
CA LYS B 130 29.68 9.98 6.24
C LYS B 130 30.53 9.62 5.01
N VAL B 131 29.87 9.16 3.93
CA VAL B 131 30.51 8.73 2.65
C VAL B 131 30.27 9.81 1.59
N VAL B 132 29.00 10.22 1.41
CA VAL B 132 28.56 11.16 0.33
C VAL B 132 28.99 12.59 0.72
N ASP B 133 29.67 13.28 -0.19
CA ASP B 133 30.24 14.64 0.02
C ASP B 133 29.12 15.67 -0.11
N ASN B 134 29.13 16.69 0.77
CA ASN B 134 28.17 17.83 0.76
C ASN B 134 28.13 18.47 -0.63
N THR B 135 29.29 18.94 -1.09
CA THR B 135 29.46 19.80 -2.29
C THR B 135 29.20 18.98 -3.56
N THR B 136 29.61 17.70 -3.58
CA THR B 136 29.38 16.75 -4.72
C THR B 136 27.88 16.65 -5.01
N ALA B 137 27.08 16.44 -3.96
CA ALA B 137 25.60 16.35 -4.03
C ALA B 137 25.01 17.70 -4.47
N LYS B 138 25.46 18.79 -3.85
CA LYS B 138 25.06 20.19 -4.19
C LYS B 138 25.36 20.46 -5.67
N GLU B 139 26.59 20.13 -6.11
CA GLU B 139 27.05 20.25 -7.52
C GLU B 139 26.05 19.52 -8.44
N PHE B 140 25.68 18.29 -8.08
CA PHE B 140 24.71 17.43 -8.82
C PHE B 140 23.32 18.08 -8.78
N ALA B 141 22.87 18.48 -7.60
CA ALA B 141 21.53 19.05 -7.34
C ALA B 141 21.37 20.42 -8.05
N ASP B 142 22.47 21.18 -8.16
CA ASP B 142 22.48 22.53 -8.78
C ASP B 142 22.67 22.42 -10.31
N SER B 143 23.17 21.28 -10.80
CA SER B 143 23.28 20.97 -12.25
C SER B 143 21.87 20.81 -12.84
N LEU B 144 20.95 20.21 -12.09
CA LEU B 144 19.55 19.95 -12.48
C LEU B 144 18.64 21.08 -11.99
N GLY B 145 19.20 22.07 -11.27
CA GLY B 145 18.48 23.23 -10.71
C GLY B 145 17.50 22.82 -9.63
N ILE B 146 17.86 21.79 -8.85
CA ILE B 146 17.04 21.22 -7.73
C ILE B 146 17.58 21.79 -6.42
N PRO B 147 16.71 22.23 -5.47
CA PRO B 147 17.16 22.61 -4.13
C PRO B 147 17.70 21.39 -3.37
N PHE B 148 18.76 21.56 -2.57
CA PHE B 148 19.43 20.49 -1.80
C PHE B 148 19.54 20.87 -0.32
N LEU B 149 19.13 19.95 0.56
CA LEU B 149 19.25 20.07 2.05
C LEU B 149 19.71 18.73 2.63
N GLU B 150 20.62 18.76 3.60
CA GLU B 150 20.98 17.59 4.44
C GLU B 150 20.19 17.67 5.75
N THR B 151 19.75 16.51 6.25
CA THR B 151 18.80 16.39 7.38
C THR B 151 19.23 15.26 8.32
N SER B 152 18.79 15.31 9.57
CA SER B 152 18.87 14.22 10.57
C SER B 152 17.54 14.13 11.32
N ALA B 153 16.72 13.12 10.99
CA ALA B 153 15.46 12.79 11.70
C ALA B 153 15.75 12.60 13.19
N LYS B 154 16.96 12.14 13.53
CA LYS B 154 17.42 11.91 14.92
C LYS B 154 17.65 13.28 15.61
N ASN B 155 18.61 14.07 15.12
CA ASN B 155 18.90 15.44 15.64
C ASN B 155 17.69 16.34 15.42
N ALA B 156 16.95 16.10 14.32
CA ALA B 156 15.80 16.91 13.83
C ALA B 156 16.30 18.07 12.97
N THR B 157 17.62 18.15 12.74
CA THR B 157 18.29 19.25 12.00
C THR B 157 17.72 19.32 10.58
N ASN B 158 17.22 20.50 10.19
CA ASN B 158 16.79 20.86 8.81
C ASN B 158 15.54 20.08 8.38
N VAL B 159 14.87 19.35 9.29
CA VAL B 159 13.66 18.56 8.95
C VAL B 159 12.51 19.53 8.63
N GLU B 160 12.25 20.52 9.50
CA GLU B 160 11.26 21.59 9.26
C GLU B 160 11.67 22.35 7.99
N GLN B 161 12.92 22.81 7.92
CA GLN B 161 13.47 23.57 6.76
C GLN B 161 13.27 22.76 5.47
N ALA B 162 13.47 21.44 5.52
CA ALA B 162 13.35 20.52 4.37
C ALA B 162 11.95 20.62 3.75
N PHE B 163 10.90 20.51 4.57
CA PHE B 163 9.48 20.53 4.15
C PHE B 163 9.01 21.96 3.91
N MET B 164 9.54 22.93 4.68
CA MET B 164 9.22 24.38 4.54
C MET B 164 9.65 24.88 3.16
N THR B 165 10.87 24.55 2.73
CA THR B 165 11.43 24.93 1.40
C THR B 165 10.58 24.30 0.29
N MET B 166 10.17 23.03 0.47
CA MET B 166 9.35 22.28 -0.52
C MET B 166 7.94 22.89 -0.59
N ALA B 167 7.37 23.29 0.56
CA ALA B 167 6.07 23.98 0.66
C ALA B 167 6.13 25.31 -0.10
N ALA B 168 7.22 26.07 0.10
CA ALA B 168 7.47 27.40 -0.50
C ALA B 168 7.79 27.26 -1.99
N GLU B 169 8.50 26.19 -2.38
CA GLU B 169 8.97 25.96 -3.78
C GLU B 169 7.76 25.75 -4.69
N ILE B 170 6.69 25.12 -4.19
CA ILE B 170 5.45 24.82 -4.97
C ILE B 170 4.51 26.04 -4.91
N LYS B 171 4.33 26.64 -3.73
CA LYS B 171 3.52 27.87 -3.54
C LYS B 171 3.87 28.88 -4.63
N LYS B 172 5.17 29.17 -4.79
CA LYS B 172 5.74 30.07 -5.83
C LYS B 172 5.18 29.68 -7.20
N ARG B 173 5.40 28.43 -7.63
CA ARG B 173 5.03 27.94 -9.00
C ARG B 173 3.51 27.79 -9.11
N MET B 174 2.86 27.27 -8.07
CA MET B 174 1.38 27.10 -8.02
C MET B 174 0.70 28.47 -7.84
#